data_3RAS
#
_entry.id   3RAS
#
_cell.length_a   67.250
_cell.length_b   65.179
_cell.length_c   85.408
_cell.angle_alpha   90.00
_cell.angle_beta   101.28
_cell.angle_gamma   90.00
#
_symmetry.space_group_name_H-M   'P 1 21 1'
#
loop_
_entity.id
_entity.type
_entity.pdbx_description
1 polymer '1-deoxy-D-xylulose 5-phosphate reductoisomerase'
2 non-polymer 'NADPH DIHYDRO-NICOTINAMIDE-ADENINE-DINUCLEOTIDE PHOSPHATE'
3 non-polymer '3-(N-HYDROXYACETAMIDO)-1-(3,4-DICHLOROPHENYL)PROPYLPHOSPHONIC ACID'
4 non-polymer '[(1R)-3-[acetyl(hydroxy)amino]-1-(3,4-dichlorophenyl)propyl]phosphonic acid'
5 non-polymer 'MANGANESE (II) ION'
6 non-polymer 'SULFATE ION'
7 water water
#
_entity_poly.entity_id   1
_entity_poly.type   'polypeptide(L)'
_entity_poly.pdbx_seq_one_letter_code
;TMAHHHHHHVTNSTDGRADGRLRVVVLGSTGSIGTQALQVIADNPDRFEVVGLAAGGAHLDTLLRQRAQTGVTNIAVADE
HAAQRVGDIPYHGSDAATRLVEQTEADVVLNALVGALGLRPTLAALKTGARLALANKESLVAGGSLVLRAARPGQIVPVD
SEHSALAQCLRGGTPDEVAKLVLTASGGPFRGWSAADLEHVTPEQAGAHPTWSMGPMNTLNSASLVNKGLEVIETHLLFG
IPYDRIDVVVHPQSIIHSMVTFIDGSTIAQASPPDMKLPISLALGWPRRVSGAAAACDFHTASSWEFEPLDTDVFPAVEL
ARQAGVAGGCMTAVYNAANEEAAAAFLAGRIGFPAIVGIIADVLHAADQWAVEPATVDDVLDAQRWARERAQRAVSGM
;
_entity_poly.pdbx_strand_id   A,B
#
loop_
_chem_comp.id
_chem_comp.type
_chem_comp.name
_chem_comp.formula
DCV non-polymer '[(1R)-3-[acetyl(hydroxy)amino]-1-(3,4-dichlorophenyl)propyl]phosphonic acid' 'C11 H14 Cl2 N O5 P'
FM5 non-polymer '3-(N-HYDROXYACETAMIDO)-1-(3,4-DICHLOROPHENYL)PROPYLPHOSPHONIC ACID' 'C11 H14 Cl2 N O5 P'
MN non-polymer 'MANGANESE (II) ION' 'Mn 2'
NDP non-polymer 'NADPH DIHYDRO-NICOTINAMIDE-ADENINE-DINUCLEOTIDE PHOSPHATE' 'C21 H30 N7 O17 P3'
SO4 non-polymer 'SULFATE ION' 'O4 S -2'
#
# COMPACT_ATOMS: atom_id res chain seq x y z
N GLY A 20 8.49 -8.14 29.31
CA GLY A 20 8.21 -7.76 27.88
C GLY A 20 8.25 -8.93 26.90
N ARG A 21 9.47 -9.43 26.65
CA ARG A 21 9.70 -10.55 25.74
C ARG A 21 8.55 -11.51 25.55
N LEU A 22 8.26 -11.83 24.30
CA LEU A 22 7.21 -12.77 24.00
C LEU A 22 7.84 -14.16 23.97
N ARG A 23 7.11 -15.16 24.48
CA ARG A 23 7.58 -16.55 24.53
C ARG A 23 7.07 -17.28 23.29
N VAL A 24 8.02 -17.73 22.47
CA VAL A 24 7.76 -18.39 21.20
C VAL A 24 8.21 -19.85 21.06
N VAL A 25 7.33 -20.66 20.48
CA VAL A 25 7.62 -22.06 20.21
C VAL A 25 7.74 -22.13 18.69
N VAL A 26 8.81 -22.74 18.19
CA VAL A 26 9.00 -22.86 16.75
C VAL A 26 8.85 -24.32 16.30
N LEU A 27 7.85 -24.61 15.48
CA LEU A 27 7.64 -25.96 14.99
C LEU A 27 8.25 -26.04 13.61
N GLY A 28 9.19 -26.96 13.44
CA GLY A 28 9.86 -27.10 12.17
C GLY A 28 10.88 -26.00 12.13
N SER A 29 11.68 -25.94 13.20
CA SER A 29 12.72 -24.94 13.36
C SER A 29 13.91 -25.18 12.45
N THR A 30 14.12 -26.43 12.09
CA THR A 30 15.26 -26.76 11.25
C THR A 30 15.05 -26.49 9.78
N GLY A 31 13.83 -26.09 9.42
CA GLY A 31 13.54 -25.83 8.02
C GLY A 31 13.90 -24.43 7.56
N SER A 32 13.54 -24.11 6.33
CA SER A 32 13.80 -22.78 5.75
C SER A 32 13.18 -21.67 6.61
N ILE A 33 11.85 -21.66 6.73
CA ILE A 33 11.21 -20.62 7.53
C ILE A 33 11.76 -20.66 8.94
N GLY A 34 11.78 -21.85 9.53
CA GLY A 34 12.28 -22.01 10.89
C GLY A 34 13.60 -21.31 11.19
N THR A 35 14.65 -21.59 10.44
CA THR A 35 15.93 -20.96 10.72
C THR A 35 15.85 -19.44 10.58
N GLN A 36 15.10 -18.93 9.61
CA GLN A 36 15.01 -17.47 9.47
C GLN A 36 14.30 -16.89 10.68
N ALA A 37 13.34 -17.64 11.21
CA ALA A 37 12.60 -17.20 12.38
C ALA A 37 13.54 -17.09 13.59
N LEU A 38 14.41 -18.09 13.79
CA LEU A 38 15.33 -18.02 14.93
C LEU A 38 16.34 -16.91 14.76
N GLN A 39 16.59 -16.48 13.53
CA GLN A 39 17.51 -15.37 13.32
C GLN A 39 16.82 -14.12 13.88
N VAL A 40 15.60 -13.86 13.42
CA VAL A 40 14.85 -12.70 13.90
C VAL A 40 14.68 -12.73 15.41
N ILE A 41 14.50 -13.91 15.98
CA ILE A 41 14.37 -13.99 17.43
C ILE A 41 15.73 -13.70 18.07
N ALA A 42 16.79 -14.24 17.48
CA ALA A 42 18.13 -14.02 18.01
C ALA A 42 18.48 -12.55 17.90
N ASP A 43 18.09 -11.92 16.80
CA ASP A 43 18.40 -10.52 16.58
C ASP A 43 17.50 -9.54 17.30
N ASN A 44 16.63 -10.06 18.16
CA ASN A 44 15.72 -9.21 18.90
C ASN A 44 15.39 -9.83 20.25
N PRO A 45 16.44 -10.13 21.04
CA PRO A 45 16.29 -10.72 22.38
C PRO A 45 15.41 -9.88 23.28
N ASP A 46 15.20 -8.64 22.91
CA ASP A 46 14.37 -7.77 23.70
C ASP A 46 12.88 -8.03 23.51
N ARG A 47 12.53 -8.59 22.36
CA ARG A 47 11.15 -8.88 22.02
C ARG A 47 10.75 -10.34 22.17
N PHE A 48 11.67 -11.24 21.84
CA PHE A 48 11.33 -12.65 21.89
C PHE A 48 12.26 -13.58 22.65
N GLU A 49 11.68 -14.72 23.06
CA GLU A 49 12.43 -15.73 23.77
C GLU A 49 12.00 -17.07 23.18
N VAL A 50 12.96 -17.92 22.84
CA VAL A 50 12.63 -19.24 22.30
C VAL A 50 12.38 -20.18 23.48
N VAL A 51 11.23 -20.85 23.49
CA VAL A 51 10.86 -21.73 24.57
C VAL A 51 10.49 -23.13 24.09
N GLY A 52 10.46 -23.31 22.77
CA GLY A 52 10.12 -24.61 22.22
C GLY A 52 10.59 -24.81 20.79
N LEU A 53 11.10 -26.01 20.50
CA LEU A 53 11.58 -26.38 19.17
C LEU A 53 11.04 -27.76 18.74
N ALA A 54 10.76 -27.92 17.45
CA ALA A 54 10.26 -29.18 16.94
C ALA A 54 10.75 -29.35 15.52
N ALA A 55 11.05 -30.58 15.14
CA ALA A 55 11.55 -30.84 13.79
C ALA A 55 11.19 -32.24 13.38
N GLY A 56 11.50 -32.59 12.15
CA GLY A 56 11.19 -33.93 11.69
C GLY A 56 12.17 -34.92 12.27
N GLY A 57 13.46 -34.59 12.16
CA GLY A 57 14.50 -35.46 12.67
C GLY A 57 15.55 -35.71 11.62
N ALA A 58 15.33 -35.14 10.43
CA ALA A 58 16.25 -35.34 9.32
C ALA A 58 17.48 -34.46 9.38
N HIS A 59 17.41 -33.32 10.06
CA HIS A 59 18.56 -32.42 10.15
C HIS A 59 19.00 -32.29 11.60
N LEU A 60 19.56 -33.37 12.12
CA LEU A 60 20.01 -33.42 13.50
C LEU A 60 21.07 -32.40 13.86
N ASP A 61 22.11 -32.31 13.05
CA ASP A 61 23.18 -31.36 13.32
C ASP A 61 22.65 -29.94 13.44
N THR A 62 21.72 -29.57 12.57
CA THR A 62 21.11 -28.23 12.61
C THR A 62 20.38 -28.13 13.95
N LEU A 63 19.53 -29.11 14.23
CA LEU A 63 18.79 -29.11 15.47
C LEU A 63 19.73 -29.09 16.67
N LEU A 64 20.87 -29.76 16.57
CA LEU A 64 21.83 -29.77 17.67
C LEU A 64 22.40 -28.38 17.89
N ARG A 65 22.81 -27.73 16.81
CA ARG A 65 23.37 -26.40 16.91
C ARG A 65 22.30 -25.40 17.36
N GLN A 66 21.06 -25.67 17.02
CA GLN A 66 19.98 -24.78 17.44
C GLN A 66 19.78 -24.88 18.94
N ARG A 67 19.93 -26.08 19.49
CA ARG A 67 19.77 -26.28 20.92
C ARG A 67 20.91 -25.62 21.70
N ALA A 68 22.14 -25.81 21.21
CA ALA A 68 23.32 -25.24 21.86
C ALA A 68 23.37 -23.73 21.81
N GLN A 69 22.71 -23.14 20.80
CA GLN A 69 22.72 -21.70 20.65
C GLN A 69 21.61 -21.02 21.44
N THR A 70 20.37 -21.46 21.28
CA THR A 70 19.27 -20.84 22.01
C THR A 70 19.25 -21.33 23.43
N GLY A 71 19.94 -22.44 23.67
CA GLY A 71 19.97 -23.00 25.00
C GLY A 71 18.64 -23.59 25.41
N VAL A 72 17.86 -24.01 24.42
CA VAL A 72 16.56 -24.61 24.71
C VAL A 72 16.67 -26.12 24.58
N THR A 73 16.12 -26.84 25.56
CA THR A 73 16.17 -28.29 25.55
C THR A 73 14.79 -28.87 25.38
N ASN A 74 13.78 -28.04 25.62
CA ASN A 74 12.39 -28.44 25.44
C ASN A 74 12.28 -28.59 23.92
N ILE A 75 12.50 -29.82 23.44
CA ILE A 75 12.52 -30.13 22.02
C ILE A 75 11.65 -31.29 21.57
N ALA A 76 11.12 -31.20 20.35
CA ALA A 76 10.29 -32.26 19.80
C ALA A 76 10.93 -32.80 18.51
N VAL A 77 11.09 -34.12 18.42
CA VAL A 77 11.64 -34.76 17.22
C VAL A 77 10.66 -35.86 16.77
N ALA A 78 10.18 -35.75 15.54
CA ALA A 78 9.21 -36.70 15.00
C ALA A 78 9.72 -38.13 14.88
N ASP A 79 10.85 -38.31 14.19
CA ASP A 79 11.42 -39.63 13.97
C ASP A 79 11.92 -40.25 15.27
N GLU A 80 11.36 -41.40 15.64
CA GLU A 80 11.71 -42.13 16.86
C GLU A 80 13.19 -42.51 16.96
N HIS A 81 13.74 -43.04 15.87
CA HIS A 81 15.14 -43.45 15.82
C HIS A 81 16.06 -42.25 15.94
N ALA A 82 15.68 -41.14 15.31
CA ALA A 82 16.47 -39.92 15.36
C ALA A 82 16.50 -39.34 16.77
N ALA A 83 15.32 -39.26 17.41
CA ALA A 83 15.22 -38.71 18.75
C ALA A 83 16.08 -39.55 19.67
N GLN A 84 16.13 -40.84 19.36
CA GLN A 84 16.90 -41.76 20.15
C GLN A 84 18.40 -41.48 20.14
N ARG A 85 19.03 -41.57 18.97
CA ARG A 85 20.46 -41.32 18.93
C ARG A 85 20.90 -39.93 19.37
N VAL A 86 19.95 -39.01 19.54
CA VAL A 86 20.29 -37.67 20.00
C VAL A 86 20.20 -37.68 21.53
N GLY A 87 19.28 -38.50 22.04
CA GLY A 87 19.06 -38.62 23.46
C GLY A 87 18.60 -37.36 24.16
N ASP A 88 17.97 -37.53 25.32
CA ASP A 88 17.50 -36.40 26.12
C ASP A 88 16.29 -35.65 25.54
N ILE A 89 15.72 -36.10 24.42
CA ILE A 89 14.55 -35.43 23.83
C ILE A 89 13.23 -35.75 24.54
N PRO A 90 12.63 -34.75 25.22
CA PRO A 90 11.37 -34.97 25.94
C PRO A 90 10.16 -35.45 25.15
N TYR A 91 10.04 -35.05 23.88
CA TYR A 91 8.91 -35.49 23.07
C TYR A 91 9.39 -36.15 21.80
N HIS A 92 8.86 -37.32 21.50
CA HIS A 92 9.24 -38.01 20.27
C HIS A 92 8.08 -38.78 19.65
N GLY A 93 8.21 -39.06 18.36
CA GLY A 93 7.15 -39.76 17.66
C GLY A 93 6.24 -38.76 16.97
N SER A 94 5.40 -39.25 16.07
CA SER A 94 4.48 -38.41 15.31
C SER A 94 3.67 -37.38 16.08
N ASP A 95 3.42 -37.62 17.37
CA ASP A 95 2.63 -36.64 18.13
C ASP A 95 3.52 -35.71 18.95
N ALA A 96 4.84 -35.90 18.82
CA ALA A 96 5.82 -35.11 19.57
C ALA A 96 5.59 -33.61 19.46
N ALA A 97 5.25 -33.14 18.27
CA ALA A 97 5.03 -31.72 18.08
C ALA A 97 3.75 -31.24 18.74
N THR A 98 2.70 -32.04 18.65
CA THR A 98 1.45 -31.62 19.23
C THR A 98 1.60 -31.61 20.76
N ARG A 99 2.30 -32.59 21.31
CA ARG A 99 2.46 -32.65 22.76
C ARG A 99 3.30 -31.51 23.29
N LEU A 100 4.27 -31.07 22.51
CA LEU A 100 5.11 -29.97 22.92
C LEU A 100 4.21 -28.74 23.10
N VAL A 101 3.37 -28.48 22.10
CA VAL A 101 2.47 -27.33 22.16
C VAL A 101 1.56 -27.36 23.39
N GLU A 102 0.93 -28.50 23.64
CA GLU A 102 0.03 -28.62 24.78
C GLU A 102 0.66 -28.44 26.16
N GLN A 103 1.97 -28.67 26.26
CA GLN A 103 2.63 -28.57 27.56
C GLN A 103 3.62 -27.44 27.74
N THR A 104 3.82 -26.64 26.71
CA THR A 104 4.77 -25.55 26.84
C THR A 104 4.03 -24.24 26.83
N GLU A 105 4.12 -23.47 27.90
CA GLU A 105 3.45 -22.18 27.93
C GLU A 105 4.16 -21.26 26.99
N ALA A 106 3.38 -20.55 26.19
CA ALA A 106 3.95 -19.63 25.22
C ALA A 106 2.96 -18.50 24.93
N ASP A 107 3.41 -17.54 24.14
CA ASP A 107 2.57 -16.42 23.76
C ASP A 107 2.29 -16.61 22.28
N VAL A 108 3.27 -17.18 21.58
CA VAL A 108 3.15 -17.42 20.15
C VAL A 108 3.69 -18.78 19.73
N VAL A 109 3.00 -19.40 18.79
CA VAL A 109 3.39 -20.68 18.24
C VAL A 109 3.57 -20.42 16.74
N LEU A 110 4.82 -20.47 16.30
CA LEU A 110 5.12 -20.30 14.89
C LEU A 110 5.05 -21.70 14.31
N ASN A 111 4.07 -21.96 13.48
CA ASN A 111 3.97 -23.27 12.88
C ASN A 111 4.64 -23.20 11.52
N ALA A 112 5.89 -23.64 11.48
CA ALA A 112 6.67 -23.62 10.26
C ALA A 112 6.89 -25.04 9.75
N LEU A 113 5.94 -25.93 10.07
CA LEU A 113 6.01 -27.30 9.60
C LEU A 113 5.55 -27.30 8.16
N VAL A 114 5.80 -28.37 7.43
CA VAL A 114 5.37 -28.47 6.04
C VAL A 114 4.32 -29.57 5.95
N GLY A 115 3.33 -29.38 5.10
CA GLY A 115 2.31 -30.40 4.94
C GLY A 115 1.13 -30.40 5.89
N ALA A 116 0.04 -31.03 5.45
CA ALA A 116 -1.18 -31.12 6.24
C ALA A 116 -0.95 -31.87 7.55
N LEU A 117 0.24 -32.46 7.70
CA LEU A 117 0.57 -33.19 8.91
C LEU A 117 0.59 -32.21 10.08
N GLY A 118 0.80 -30.93 9.76
CA GLY A 118 0.87 -29.91 10.79
C GLY A 118 -0.49 -29.46 11.29
N LEU A 119 -1.56 -30.12 10.82
CA LEU A 119 -2.91 -29.79 11.23
C LEU A 119 -3.13 -29.98 12.73
N ARG A 120 -2.58 -31.04 13.31
CA ARG A 120 -2.77 -31.24 14.75
C ARG A 120 -2.00 -30.25 15.62
N PRO A 121 -0.79 -29.82 15.20
CA PRO A 121 -0.12 -28.86 16.07
C PRO A 121 -0.85 -27.51 16.05
N THR A 122 -1.44 -27.16 14.91
CA THR A 122 -2.18 -25.92 14.75
C THR A 122 -3.40 -25.89 15.69
N LEU A 123 -4.16 -26.96 15.72
CA LEU A 123 -5.34 -27.03 16.60
C LEU A 123 -4.90 -27.00 18.05
N ALA A 124 -3.83 -27.72 18.36
CA ALA A 124 -3.31 -27.75 19.72
C ALA A 124 -2.92 -26.32 20.12
N ALA A 125 -2.28 -25.61 19.19
CA ALA A 125 -1.84 -24.25 19.45
C ALA A 125 -3.01 -23.31 19.73
N LEU A 126 -4.01 -23.29 18.85
CA LEU A 126 -5.17 -22.44 19.07
C LEU A 126 -5.74 -22.76 20.45
N LYS A 127 -5.89 -24.05 20.75
CA LYS A 127 -6.43 -24.46 22.03
C LYS A 127 -5.67 -23.97 23.28
N THR A 128 -4.39 -23.64 23.15
CA THR A 128 -3.67 -23.14 24.33
C THR A 128 -4.01 -21.66 24.51
N GLY A 129 -4.51 -21.03 23.45
CA GLY A 129 -4.85 -19.63 23.53
C GLY A 129 -3.76 -18.70 23.03
N ALA A 130 -2.57 -19.26 22.81
CA ALA A 130 -1.45 -18.45 22.33
C ALA A 130 -1.74 -17.96 20.93
N ARG A 131 -0.99 -16.96 20.48
CA ARG A 131 -1.20 -16.47 19.13
C ARG A 131 -0.62 -17.56 18.22
N LEU A 132 -1.02 -17.58 16.95
CA LEU A 132 -0.51 -18.60 16.03
C LEU A 132 0.10 -18.01 14.76
N ALA A 133 1.43 -17.92 14.71
CA ALA A 133 2.10 -17.41 13.52
C ALA A 133 2.06 -18.59 12.54
N LEU A 134 1.19 -18.48 11.55
CA LEU A 134 1.01 -19.55 10.59
C LEU A 134 1.85 -19.45 9.32
N ALA A 135 2.58 -20.51 9.05
CA ALA A 135 3.37 -20.58 7.84
C ALA A 135 2.81 -21.81 7.15
N ASN A 136 2.56 -22.84 7.95
CA ASN A 136 2.02 -24.11 7.47
C ASN A 136 0.60 -23.84 6.94
N LYS A 137 0.51 -23.43 5.69
CA LYS A 137 -0.79 -23.12 5.10
C LYS A 137 -1.68 -24.34 4.93
N GLU A 138 -1.06 -25.50 4.70
CA GLU A 138 -1.81 -26.74 4.51
C GLU A 138 -2.71 -27.13 5.70
N SER A 139 -2.35 -26.71 6.90
CA SER A 139 -3.16 -27.04 8.06
C SER A 139 -4.45 -26.23 8.02
N LEU A 140 -4.40 -25.01 7.49
CA LEU A 140 -5.59 -24.18 7.40
C LEU A 140 -6.45 -24.62 6.23
N VAL A 141 -5.82 -24.94 5.11
CA VAL A 141 -6.52 -25.38 3.91
C VAL A 141 -7.26 -26.69 4.20
N ALA A 142 -6.57 -27.62 4.85
CA ALA A 142 -7.16 -28.91 5.18
C ALA A 142 -8.12 -28.74 6.34
N GLY A 143 -7.72 -27.93 7.32
CA GLY A 143 -8.55 -27.70 8.48
C GLY A 143 -9.85 -27.01 8.15
N GLY A 144 -9.79 -25.99 7.30
CA GLY A 144 -10.98 -25.27 6.93
C GLY A 144 -11.73 -24.78 8.15
N SER A 145 -13.06 -24.79 8.05
CA SER A 145 -13.94 -24.32 9.14
C SER A 145 -13.60 -24.95 10.47
N LEU A 146 -13.04 -26.15 10.42
CA LEU A 146 -12.67 -26.83 11.64
C LEU A 146 -11.68 -25.98 12.41
N VAL A 147 -10.64 -25.50 11.73
CA VAL A 147 -9.64 -24.68 12.39
C VAL A 147 -10.16 -23.31 12.80
N LEU A 148 -11.01 -22.72 11.96
CA LEU A 148 -11.57 -21.41 12.29
C LEU A 148 -12.37 -21.43 13.59
N ARG A 149 -13.24 -22.43 13.75
CA ARG A 149 -14.04 -22.53 14.96
C ARG A 149 -13.10 -22.52 16.16
N ALA A 150 -11.95 -23.16 15.98
CA ALA A 150 -10.94 -23.28 17.02
C ALA A 150 -10.25 -21.97 17.37
N ALA A 151 -10.13 -21.11 16.37
CA ALA A 151 -9.48 -19.81 16.56
C ALA A 151 -10.41 -18.70 17.02
N ARG A 152 -9.84 -17.73 17.70
CA ARG A 152 -10.62 -16.58 18.13
C ARG A 152 -10.15 -15.45 17.21
N PRO A 153 -11.02 -14.47 16.99
CA PRO A 153 -10.69 -13.34 16.13
C PRO A 153 -9.26 -12.86 16.25
N GLY A 154 -8.57 -12.85 15.12
CA GLY A 154 -7.19 -12.40 15.07
C GLY A 154 -6.18 -13.21 15.84
N GLN A 155 -6.47 -14.47 16.12
CA GLN A 155 -5.53 -15.31 16.85
C GLN A 155 -4.50 -15.87 15.87
N ILE A 156 -4.93 -16.06 14.63
CA ILE A 156 -4.08 -16.58 13.58
C ILE A 156 -3.48 -15.41 12.82
N VAL A 157 -2.17 -15.21 12.96
CA VAL A 157 -1.47 -14.14 12.26
C VAL A 157 -0.68 -14.82 11.15
N PRO A 158 -0.88 -14.40 9.89
CA PRO A 158 -0.19 -14.98 8.74
C PRO A 158 1.30 -14.68 8.63
N VAL A 159 2.05 -15.67 8.17
CA VAL A 159 3.50 -15.54 7.98
C VAL A 159 3.76 -15.53 6.47
N ASP A 160 2.90 -16.19 5.73
CA ASP A 160 3.00 -16.27 4.27
C ASP A 160 2.99 -14.81 3.81
N SER A 161 3.91 -14.46 2.92
CA SER A 161 4.02 -13.09 2.43
C SER A 161 2.83 -12.46 1.71
N GLU A 162 2.03 -13.25 0.99
CA GLU A 162 0.87 -12.66 0.32
C GLU A 162 -0.13 -12.20 1.38
N HIS A 163 -0.33 -13.04 2.38
CA HIS A 163 -1.28 -12.77 3.45
C HIS A 163 -0.77 -11.75 4.43
N SER A 164 0.53 -11.75 4.68
CA SER A 164 1.07 -10.76 5.58
C SER A 164 0.76 -9.42 4.92
N ALA A 165 0.91 -9.37 3.60
CA ALA A 165 0.66 -8.16 2.82
C ALA A 165 -0.81 -7.74 2.86
N LEU A 166 -1.72 -8.66 2.54
CA LEU A 166 -3.13 -8.33 2.55
C LEU A 166 -3.50 -7.79 3.92
N ALA A 167 -2.97 -8.41 4.96
CA ALA A 167 -3.27 -7.97 6.31
C ALA A 167 -2.92 -6.48 6.47
N GLN A 168 -1.67 -6.12 6.19
CA GLN A 168 -1.22 -4.76 6.31
C GLN A 168 -2.03 -3.82 5.43
N CYS A 169 -2.46 -4.29 4.26
CA CYS A 169 -3.23 -3.45 3.33
C CYS A 169 -4.67 -3.25 3.76
N LEU A 170 -5.20 -4.20 4.53
CA LEU A 170 -6.57 -4.13 5.01
C LEU A 170 -6.66 -3.29 6.26
N ARG A 171 -5.52 -3.07 6.90
CA ARG A 171 -5.46 -2.30 8.13
C ARG A 171 -6.19 -0.98 7.91
N GLY A 172 -6.21 -0.54 6.65
CA GLY A 172 -6.88 0.69 6.30
C GLY A 172 -8.27 0.55 5.70
N GLY A 173 -9.19 -0.06 6.46
CA GLY A 173 -10.56 -0.23 5.98
C GLY A 173 -11.45 -1.26 6.65
N THR A 174 -12.68 -1.34 6.15
CA THR A 174 -13.71 -2.27 6.63
C THR A 174 -14.06 -3.15 5.43
N PRO A 175 -14.50 -4.39 5.68
CA PRO A 175 -14.88 -5.34 4.62
C PRO A 175 -15.87 -4.84 3.58
N ASP A 176 -16.89 -4.12 4.01
CA ASP A 176 -17.88 -3.61 3.06
C ASP A 176 -17.30 -2.55 2.14
N GLU A 177 -16.00 -2.28 2.27
CA GLU A 177 -15.33 -1.29 1.44
C GLU A 177 -14.30 -1.99 0.55
N VAL A 178 -14.14 -3.30 0.75
CA VAL A 178 -13.19 -4.08 -0.03
C VAL A 178 -13.91 -4.63 -1.25
N ALA A 179 -13.34 -4.38 -2.43
CA ALA A 179 -13.95 -4.87 -3.66
C ALA A 179 -13.29 -6.17 -4.15
N LYS A 180 -11.96 -6.22 -4.08
CA LYS A 180 -11.21 -7.39 -4.53
C LYS A 180 -9.89 -7.51 -3.76
N LEU A 181 -9.43 -8.73 -3.60
CA LEU A 181 -8.15 -8.96 -2.95
C LEU A 181 -7.35 -9.48 -4.11
N VAL A 182 -6.24 -8.81 -4.41
CA VAL A 182 -5.42 -9.21 -5.52
C VAL A 182 -4.13 -9.89 -5.06
N LEU A 183 -4.04 -11.20 -5.26
CA LEU A 183 -2.85 -11.94 -4.90
C LEU A 183 -1.90 -11.95 -6.09
N THR A 184 -0.63 -11.67 -5.83
CA THR A 184 0.36 -11.67 -6.90
C THR A 184 1.10 -12.99 -6.87
N ALA A 185 1.49 -13.46 -8.04
CA ALA A 185 2.21 -14.73 -8.17
C ALA A 185 3.42 -14.55 -9.07
N SER A 186 4.55 -15.10 -8.65
CA SER A 186 5.78 -14.99 -9.42
C SER A 186 5.62 -15.58 -10.82
N GLY A 187 4.67 -16.51 -10.96
CA GLY A 187 4.44 -17.13 -12.25
C GLY A 187 5.24 -18.41 -12.35
N GLY A 188 6.09 -18.65 -11.35
CA GLY A 188 6.90 -19.84 -11.34
C GLY A 188 7.93 -19.72 -12.44
N PRO A 189 8.88 -20.66 -12.52
CA PRO A 189 9.92 -20.61 -13.55
C PRO A 189 9.46 -21.04 -14.96
N PHE A 190 8.24 -21.54 -15.06
CA PHE A 190 7.73 -21.98 -16.37
C PHE A 190 6.74 -20.96 -16.92
N ARG A 191 6.67 -19.83 -16.23
CA ARG A 191 5.79 -18.75 -16.65
C ARG A 191 6.08 -18.47 -18.11
N GLY A 192 5.03 -18.46 -18.93
CA GLY A 192 5.19 -18.17 -20.35
C GLY A 192 5.25 -19.39 -21.24
N TRP A 193 5.40 -20.57 -20.64
CA TRP A 193 5.47 -21.80 -21.43
C TRP A 193 4.07 -22.26 -21.82
N SER A 194 4.02 -23.27 -22.69
CA SER A 194 2.75 -23.84 -23.15
C SER A 194 2.58 -25.22 -22.52
N ALA A 195 1.37 -25.75 -22.62
CA ALA A 195 1.09 -27.07 -22.07
C ALA A 195 2.08 -28.06 -22.69
N ALA A 196 2.37 -27.84 -23.98
CA ALA A 196 3.29 -28.70 -24.69
C ALA A 196 4.63 -28.74 -23.98
N ASP A 197 5.29 -27.59 -23.93
CA ASP A 197 6.60 -27.48 -23.31
C ASP A 197 6.62 -28.02 -21.88
N LEU A 198 5.59 -27.68 -21.11
CA LEU A 198 5.50 -28.13 -19.73
C LEU A 198 5.75 -29.63 -19.57
N GLU A 199 5.18 -30.43 -20.45
CA GLU A 199 5.34 -31.87 -20.36
C GLU A 199 6.78 -32.37 -20.27
N HIS A 200 7.74 -31.59 -20.75
CA HIS A 200 9.13 -32.02 -20.67
C HIS A 200 9.85 -31.53 -19.42
N VAL A 201 9.12 -30.95 -18.50
CA VAL A 201 9.69 -30.43 -17.26
C VAL A 201 10.25 -31.55 -16.37
N THR A 202 11.44 -31.34 -15.83
CA THR A 202 12.08 -32.34 -14.97
C THR A 202 12.34 -31.79 -13.56
N PRO A 203 12.28 -32.65 -12.54
CA PRO A 203 12.49 -32.31 -11.13
C PRO A 203 13.64 -31.34 -10.83
N GLU A 204 14.56 -31.19 -11.77
CA GLU A 204 15.70 -30.27 -11.60
C GLU A 204 15.23 -28.83 -11.80
N GLN A 205 14.42 -28.63 -12.83
CA GLN A 205 13.88 -27.32 -13.19
C GLN A 205 12.78 -26.82 -12.25
N ALA A 206 12.11 -27.75 -11.57
CA ALA A 206 11.04 -27.39 -10.65
C ALA A 206 11.48 -27.50 -9.19
N GLY A 207 12.73 -27.20 -8.89
CA GLY A 207 13.23 -27.28 -7.54
C GLY A 207 14.55 -26.55 -7.45
N ALA A 208 14.80 -25.77 -8.44
CA ALA A 208 15.99 -24.96 -8.43
C ALA A 208 15.53 -23.54 -8.49
N HIS A 209 16.21 -22.62 -7.90
CA HIS A 209 15.73 -21.27 -7.97
C HIS A 209 16.90 -20.33 -8.18
N PRO A 210 16.89 -19.41 -9.16
CA PRO A 210 18.08 -18.59 -9.41
C PRO A 210 18.43 -17.59 -8.30
N THR A 211 17.42 -17.06 -7.57
CA THR A 211 17.73 -15.99 -6.64
C THR A 211 17.36 -16.10 -5.17
N TRP A 212 16.58 -17.02 -4.71
CA TRP A 212 16.42 -17.06 -3.25
C TRP A 212 15.90 -18.42 -3.02
N SER A 213 15.85 -18.91 -1.77
CA SER A 213 15.39 -20.28 -1.55
C SER A 213 14.25 -20.46 -0.55
N MET A 214 13.55 -21.58 -0.72
CA MET A 214 12.43 -21.99 0.11
C MET A 214 12.57 -23.49 0.26
N GLY A 215 11.61 -24.11 0.96
CA GLY A 215 11.64 -25.54 1.14
C GLY A 215 11.32 -26.23 -0.19
N PRO A 216 11.55 -27.54 -0.30
CA PRO A 216 11.27 -28.26 -1.55
C PRO A 216 9.82 -28.23 -2.00
N MET A 217 8.94 -28.74 -1.13
CA MET A 217 7.51 -28.81 -1.41
C MET A 217 6.93 -27.46 -1.83
N ASN A 218 7.34 -26.38 -1.16
CA ASN A 218 6.85 -25.03 -1.47
C ASN A 218 7.43 -24.52 -2.77
N THR A 219 8.59 -25.03 -3.15
CA THR A 219 9.25 -24.63 -4.39
C THR A 219 8.53 -25.26 -5.57
N LEU A 220 8.18 -26.54 -5.43
CA LEU A 220 7.48 -27.23 -6.51
C LEU A 220 6.09 -26.64 -6.72
N ASN A 221 5.35 -26.41 -5.64
CA ASN A 221 4.03 -25.83 -5.76
C ASN A 221 4.06 -24.47 -6.41
N SER A 222 5.19 -23.77 -6.27
CA SER A 222 5.37 -22.45 -6.87
C SER A 222 5.39 -22.63 -8.38
N ALA A 223 6.08 -23.67 -8.84
CA ALA A 223 6.19 -23.97 -10.25
C ALA A 223 4.87 -24.46 -10.81
N SER A 224 4.14 -25.24 -10.03
CA SER A 224 2.87 -25.77 -10.47
C SER A 224 1.72 -24.79 -10.30
N LEU A 225 1.99 -23.67 -9.63
CA LEU A 225 0.98 -22.65 -9.37
C LEU A 225 -0.06 -23.16 -8.38
N VAL A 226 0.18 -24.35 -7.85
CA VAL A 226 -0.74 -24.93 -6.88
C VAL A 226 -0.56 -24.17 -5.57
N ASN A 227 0.63 -23.64 -5.37
CA ASN A 227 0.90 -22.90 -4.14
C ASN A 227 -0.05 -21.72 -4.11
N LYS A 228 -0.17 -21.05 -5.26
CA LYS A 228 -1.04 -19.89 -5.37
C LYS A 228 -2.47 -20.34 -5.15
N GLY A 229 -2.79 -21.52 -5.66
CA GLY A 229 -4.11 -22.04 -5.46
C GLY A 229 -4.29 -22.18 -3.98
N LEU A 230 -3.30 -22.76 -3.30
CA LEU A 230 -3.39 -22.94 -1.86
C LEU A 230 -3.59 -21.60 -1.16
N GLU A 231 -2.94 -20.55 -1.66
CA GLU A 231 -3.05 -19.23 -1.04
C GLU A 231 -4.39 -18.54 -1.27
N VAL A 232 -5.08 -18.93 -2.34
CA VAL A 232 -6.38 -18.36 -2.61
C VAL A 232 -7.34 -18.83 -1.54
N ILE A 233 -7.25 -20.12 -1.20
CA ILE A 233 -8.09 -20.72 -0.17
C ILE A 233 -7.75 -20.18 1.21
N GLU A 234 -6.47 -20.06 1.49
CA GLU A 234 -5.99 -19.54 2.76
C GLU A 234 -6.57 -18.14 2.94
N THR A 235 -6.71 -17.41 1.83
CA THR A 235 -7.23 -16.05 1.82
C THR A 235 -8.73 -16.00 2.14
N HIS A 236 -9.51 -16.86 1.51
CA HIS A 236 -10.94 -16.92 1.76
C HIS A 236 -11.18 -17.24 3.22
N LEU A 237 -10.41 -18.20 3.73
CA LEU A 237 -10.49 -18.65 5.12
C LEU A 237 -10.02 -17.62 6.13
N LEU A 238 -8.87 -16.99 5.87
CA LEU A 238 -8.34 -15.99 6.80
C LEU A 238 -9.09 -14.66 6.77
N PHE A 239 -9.49 -14.21 5.59
CA PHE A 239 -10.14 -12.91 5.49
C PHE A 239 -11.66 -12.83 5.27
N GLY A 240 -12.29 -13.97 5.03
CA GLY A 240 -13.73 -13.99 4.84
C GLY A 240 -14.27 -13.44 3.54
N ILE A 241 -13.38 -13.09 2.60
CA ILE A 241 -13.81 -12.57 1.31
C ILE A 241 -14.19 -13.73 0.39
N PRO A 242 -15.35 -13.64 -0.29
CA PRO A 242 -15.80 -14.70 -1.19
C PRO A 242 -14.86 -14.91 -2.37
N TYR A 243 -14.82 -16.15 -2.85
CA TYR A 243 -13.96 -16.53 -3.97
C TYR A 243 -14.05 -15.73 -5.30
N ASP A 244 -15.19 -15.12 -5.61
CA ASP A 244 -15.26 -14.36 -6.87
C ASP A 244 -14.77 -12.92 -6.72
N ARG A 245 -14.14 -12.65 -5.58
CA ARG A 245 -13.59 -11.33 -5.32
C ARG A 245 -12.13 -11.43 -4.89
N ILE A 246 -11.52 -12.60 -5.12
CA ILE A 246 -10.11 -12.84 -4.81
C ILE A 246 -9.45 -13.08 -6.15
N ASP A 247 -8.66 -12.11 -6.60
CA ASP A 247 -7.96 -12.18 -7.87
C ASP A 247 -6.53 -12.67 -7.69
N VAL A 248 -5.91 -13.00 -8.81
CA VAL A 248 -4.53 -13.44 -8.88
C VAL A 248 -3.97 -12.81 -10.16
N VAL A 249 -2.71 -12.38 -10.10
CA VAL A 249 -2.07 -11.76 -11.25
C VAL A 249 -0.59 -12.04 -11.13
N VAL A 250 0.04 -12.34 -12.26
CA VAL A 250 1.46 -12.66 -12.28
C VAL A 250 2.34 -11.41 -12.23
N HIS A 251 3.34 -11.46 -11.36
CA HIS A 251 4.27 -10.35 -11.13
C HIS A 251 5.67 -10.95 -10.93
N PRO A 252 6.42 -11.14 -12.03
CA PRO A 252 7.77 -11.70 -12.05
C PRO A 252 8.70 -11.19 -10.96
N GLN A 253 8.68 -9.88 -10.72
CA GLN A 253 9.58 -9.30 -9.73
C GLN A 253 9.31 -9.70 -8.29
N SER A 254 8.06 -10.00 -7.97
CA SER A 254 7.73 -10.38 -6.61
C SER A 254 8.15 -9.31 -5.59
N ILE A 255 7.92 -8.05 -5.93
CA ILE A 255 8.25 -6.95 -5.03
C ILE A 255 6.93 -6.61 -4.40
N ILE A 256 5.90 -6.37 -5.21
CA ILE A 256 4.59 -6.14 -4.65
C ILE A 256 4.16 -7.54 -4.20
N HIS A 257 3.76 -7.68 -2.94
CA HIS A 257 3.39 -8.99 -2.42
C HIS A 257 1.91 -9.30 -2.37
N SER A 258 1.08 -8.31 -2.70
CA SER A 258 -0.38 -8.45 -2.69
C SER A 258 -0.99 -7.07 -2.58
N MET A 259 -2.24 -6.95 -3.03
CA MET A 259 -2.93 -5.67 -3.03
C MET A 259 -4.39 -5.85 -2.71
N VAL A 260 -5.03 -4.74 -2.36
CA VAL A 260 -6.44 -4.75 -2.07
C VAL A 260 -7.06 -3.59 -2.86
N THR A 261 -8.16 -3.85 -3.52
CA THR A 261 -8.83 -2.79 -4.25
C THR A 261 -10.08 -2.47 -3.44
N PHE A 262 -10.34 -1.18 -3.24
CA PHE A 262 -11.51 -0.72 -2.50
C PHE A 262 -12.60 -0.19 -3.43
N ILE A 263 -13.81 -0.11 -2.90
CA ILE A 263 -15.00 0.31 -3.65
C ILE A 263 -14.93 1.67 -4.34
N ASP A 264 -13.99 2.50 -3.94
CA ASP A 264 -13.85 3.83 -4.53
C ASP A 264 -12.87 3.81 -5.69
N GLY A 265 -12.20 2.68 -5.88
CA GLY A 265 -11.24 2.59 -6.96
C GLY A 265 -9.80 2.68 -6.48
N SER A 266 -9.60 2.87 -5.19
CA SER A 266 -8.24 2.95 -4.66
C SER A 266 -7.65 1.58 -4.36
N THR A 267 -6.36 1.46 -4.61
CA THR A 267 -5.66 0.22 -4.36
C THR A 267 -4.49 0.48 -3.42
N ILE A 268 -4.38 -0.36 -2.39
CA ILE A 268 -3.28 -0.28 -1.43
C ILE A 268 -2.47 -1.55 -1.60
N ALA A 269 -1.15 -1.45 -1.55
CA ALA A 269 -0.29 -2.62 -1.72
C ALA A 269 0.94 -2.60 -0.85
N GLN A 270 1.43 -3.79 -0.52
CA GLN A 270 2.60 -3.92 0.30
C GLN A 270 3.75 -4.34 -0.61
N ALA A 271 4.92 -3.75 -0.40
CA ALA A 271 6.07 -4.05 -1.24
C ALA A 271 7.35 -4.05 -0.45
N SER A 272 8.28 -4.89 -0.88
CA SER A 272 9.58 -5.00 -0.25
C SER A 272 10.38 -6.02 -1.04
N PRO A 273 11.73 -5.94 -0.96
CA PRO A 273 12.60 -6.89 -1.66
C PRO A 273 12.28 -8.25 -1.04
N PRO A 274 12.20 -9.30 -1.86
CA PRO A 274 11.89 -10.60 -1.28
C PRO A 274 12.78 -11.01 -0.09
N ASP A 275 12.12 -11.32 1.03
CA ASP A 275 12.78 -11.77 2.26
C ASP A 275 11.75 -12.13 3.32
N MET A 276 11.47 -13.42 3.45
CA MET A 276 10.51 -13.91 4.41
C MET A 276 10.74 -13.41 5.84
N LYS A 277 11.93 -12.90 6.11
CA LYS A 277 12.23 -12.39 7.43
C LYS A 277 11.24 -11.29 7.79
N LEU A 278 10.81 -10.54 6.77
CA LEU A 278 9.86 -9.45 6.95
C LEU A 278 8.51 -9.94 7.50
N PRO A 279 7.76 -10.73 6.73
CA PRO A 279 6.47 -11.21 7.25
C PRO A 279 6.57 -12.04 8.55
N ILE A 280 7.72 -12.69 8.77
CA ILE A 280 7.95 -13.49 9.97
C ILE A 280 8.06 -12.61 11.22
N SER A 281 8.90 -11.58 11.17
CA SER A 281 9.08 -10.70 12.31
C SER A 281 7.77 -9.98 12.62
N LEU A 282 6.97 -9.72 11.60
CA LEU A 282 5.69 -9.02 11.81
C LEU A 282 4.73 -9.96 12.52
N ALA A 283 4.63 -11.20 12.03
CA ALA A 283 3.76 -12.21 12.61
C ALA A 283 4.15 -12.46 14.07
N LEU A 284 5.45 -12.59 14.32
CA LEU A 284 5.94 -12.82 15.67
C LEU A 284 5.76 -11.60 16.58
N GLY A 285 5.90 -10.40 16.02
CA GLY A 285 5.79 -9.20 16.84
C GLY A 285 4.43 -8.52 16.82
N TRP A 286 3.50 -9.13 16.11
CA TRP A 286 2.15 -8.60 16.00
C TRP A 286 1.66 -8.01 17.33
N PRO A 287 1.09 -6.78 17.30
CA PRO A 287 0.88 -5.92 16.13
C PRO A 287 1.97 -4.84 15.95
N ARG A 288 3.12 -5.03 16.61
CA ARG A 288 4.23 -4.08 16.52
C ARG A 288 5.28 -4.53 15.50
N ARG A 289 5.65 -3.65 14.60
CA ARG A 289 6.65 -3.99 13.60
C ARG A 289 8.02 -4.10 14.27
N VAL A 290 8.93 -4.85 13.65
CA VAL A 290 10.28 -5.05 14.19
C VAL A 290 11.37 -4.31 13.39
N SER A 291 12.00 -3.33 14.03
CA SER A 291 13.05 -2.54 13.38
C SER A 291 14.19 -3.33 12.74
N GLY A 292 14.43 -3.05 11.46
CA GLY A 292 15.52 -3.70 10.78
C GLY A 292 15.32 -5.16 10.45
N ALA A 293 14.08 -5.61 10.58
CA ALA A 293 13.76 -7.00 10.28
C ALA A 293 14.24 -7.30 8.87
N ALA A 294 13.97 -6.38 7.95
CA ALA A 294 14.38 -6.53 6.57
C ALA A 294 14.76 -5.21 5.91
N ALA A 295 15.25 -5.30 4.68
CA ALA A 295 15.63 -4.11 3.94
C ALA A 295 14.37 -3.61 3.22
N ALA A 296 14.29 -2.31 2.99
CA ALA A 296 13.15 -1.76 2.31
C ALA A 296 13.45 -1.49 0.85
N CYS A 297 12.41 -1.26 0.05
CA CYS A 297 12.59 -0.97 -1.36
C CYS A 297 13.53 0.20 -1.47
N ASP A 298 14.50 0.07 -2.37
CA ASP A 298 15.51 1.08 -2.63
C ASP A 298 15.22 1.79 -3.94
N PHE A 299 14.81 3.05 -3.88
CA PHE A 299 14.53 3.78 -5.11
C PHE A 299 15.74 4.59 -5.59
N HIS A 300 16.91 4.19 -5.11
CA HIS A 300 18.17 4.85 -5.48
C HIS A 300 18.57 4.35 -6.85
N THR A 301 17.85 3.38 -7.37
CA THR A 301 18.20 2.86 -8.68
C THR A 301 16.97 2.34 -9.44
N ALA A 302 16.85 2.76 -10.69
CA ALA A 302 15.75 2.40 -11.57
C ALA A 302 15.30 0.96 -11.47
N SER A 303 14.03 0.73 -11.79
CA SER A 303 13.44 -0.61 -11.78
C SER A 303 12.02 -0.56 -12.29
N SER A 304 11.48 -1.71 -12.69
CA SER A 304 10.10 -1.74 -13.16
C SER A 304 9.35 -2.95 -12.57
N TRP A 305 8.10 -2.73 -12.19
CA TRP A 305 7.28 -3.78 -11.64
C TRP A 305 6.28 -4.19 -12.69
N GLU A 306 6.45 -5.39 -13.23
CA GLU A 306 5.57 -5.86 -14.29
C GLU A 306 4.42 -6.72 -13.83
N PHE A 307 3.32 -6.64 -14.56
CA PHE A 307 2.12 -7.40 -14.28
C PHE A 307 1.58 -8.00 -15.59
N GLU A 308 1.04 -9.20 -15.48
CA GLU A 308 0.46 -9.90 -16.62
C GLU A 308 -0.46 -10.95 -16.04
N PRO A 309 -1.56 -11.26 -16.74
CA PRO A 309 -2.51 -12.28 -16.29
C PRO A 309 -1.92 -13.68 -16.30
N LEU A 310 -2.42 -14.54 -15.43
CA LEU A 310 -1.96 -15.92 -15.39
C LEU A 310 -2.66 -16.66 -16.51
N ASP A 311 -1.96 -17.62 -17.12
CA ASP A 311 -2.54 -18.41 -18.19
C ASP A 311 -3.25 -19.60 -17.52
N THR A 312 -4.57 -19.53 -17.40
CA THR A 312 -5.34 -20.59 -16.75
C THR A 312 -5.40 -21.91 -17.52
N ASP A 313 -5.36 -21.86 -18.85
CA ASP A 313 -5.40 -23.08 -19.65
C ASP A 313 -4.10 -23.86 -19.43
N VAL A 314 -3.00 -23.14 -19.30
CA VAL A 314 -1.72 -23.77 -19.07
C VAL A 314 -1.48 -24.07 -17.58
N PHE A 315 -2.09 -23.26 -16.71
CA PHE A 315 -1.96 -23.46 -15.26
C PHE A 315 -3.32 -23.35 -14.58
N PRO A 316 -4.19 -24.36 -14.74
CA PRO A 316 -5.52 -24.34 -14.12
C PRO A 316 -5.52 -24.51 -12.60
N ALA A 317 -4.33 -24.74 -12.04
CA ALA A 317 -4.19 -24.94 -10.61
C ALA A 317 -5.04 -24.00 -9.76
N VAL A 318 -4.98 -22.70 -10.07
CA VAL A 318 -5.72 -21.71 -9.29
C VAL A 318 -7.22 -21.73 -9.49
N GLU A 319 -7.68 -22.17 -10.65
CA GLU A 319 -9.11 -22.24 -10.88
C GLU A 319 -9.62 -23.44 -10.09
N LEU A 320 -8.83 -24.51 -10.12
CA LEU A 320 -9.17 -25.72 -9.39
C LEU A 320 -9.33 -25.44 -7.91
N ALA A 321 -8.46 -24.60 -7.36
CA ALA A 321 -8.54 -24.27 -5.94
C ALA A 321 -9.86 -23.57 -5.63
N ARG A 322 -10.21 -22.59 -6.45
CA ARG A 322 -11.45 -21.84 -6.27
C ARG A 322 -12.64 -22.77 -6.29
N GLN A 323 -12.64 -23.71 -7.23
CA GLN A 323 -13.75 -24.67 -7.34
C GLN A 323 -13.81 -25.49 -6.07
N ALA A 324 -12.68 -25.99 -5.62
CA ALA A 324 -12.64 -26.77 -4.39
C ALA A 324 -13.20 -25.93 -3.26
N GLY A 325 -12.75 -24.68 -3.18
CA GLY A 325 -13.20 -23.79 -2.13
C GLY A 325 -14.69 -23.49 -2.14
N VAL A 326 -15.22 -23.15 -3.31
CA VAL A 326 -16.64 -22.84 -3.43
C VAL A 326 -17.46 -24.00 -2.90
N ALA A 327 -17.08 -25.22 -3.28
CA ALA A 327 -17.77 -26.41 -2.81
C ALA A 327 -17.53 -26.55 -1.30
N GLY A 328 -16.32 -26.24 -0.88
CA GLY A 328 -15.95 -26.28 0.53
C GLY A 328 -16.04 -27.62 1.26
N GLY A 329 -16.21 -27.54 2.58
CA GLY A 329 -16.29 -28.74 3.39
C GLY A 329 -14.90 -29.29 3.52
N CYS A 330 -14.71 -30.57 3.21
CA CYS A 330 -13.39 -31.16 3.30
C CYS A 330 -12.81 -31.18 1.88
N MET A 331 -13.51 -30.52 0.97
CA MET A 331 -13.09 -30.46 -0.41
C MET A 331 -11.73 -29.78 -0.59
N THR A 332 -11.37 -28.90 0.34
CA THR A 332 -10.07 -28.22 0.25
C THR A 332 -8.96 -29.16 0.72
N ALA A 333 -9.28 -30.02 1.68
CA ALA A 333 -8.30 -30.98 2.20
C ALA A 333 -8.01 -31.99 1.10
N VAL A 334 -9.02 -32.30 0.31
CA VAL A 334 -8.84 -33.24 -0.80
C VAL A 334 -7.84 -32.61 -1.77
N TYR A 335 -8.10 -31.36 -2.13
CA TYR A 335 -7.25 -30.61 -3.05
C TYR A 335 -5.78 -30.74 -2.65
N ASN A 336 -5.49 -30.52 -1.37
CA ASN A 336 -4.13 -30.60 -0.86
C ASN A 336 -3.61 -32.04 -0.76
N ALA A 337 -4.46 -32.95 -0.29
CA ALA A 337 -4.06 -34.34 -0.15
C ALA A 337 -3.68 -34.91 -1.51
N ALA A 338 -4.49 -34.59 -2.52
CA ALA A 338 -4.22 -35.06 -3.86
C ALA A 338 -2.90 -34.49 -4.36
N ASN A 339 -2.71 -33.19 -4.23
CA ASN A 339 -1.47 -32.56 -4.67
C ASN A 339 -0.23 -33.21 -4.08
N GLU A 340 -0.23 -33.40 -2.76
CA GLU A 340 0.91 -33.99 -2.07
C GLU A 340 1.28 -35.35 -2.64
N GLU A 341 0.27 -36.15 -3.00
CA GLU A 341 0.54 -37.47 -3.55
C GLU A 341 1.10 -37.38 -4.96
N ALA A 342 0.56 -36.49 -5.77
CA ALA A 342 1.03 -36.32 -7.15
C ALA A 342 2.41 -35.64 -7.21
N ALA A 343 2.63 -34.66 -6.34
CA ALA A 343 3.90 -33.94 -6.29
C ALA A 343 5.02 -34.91 -5.92
N ALA A 344 4.69 -35.83 -5.01
CA ALA A 344 5.64 -36.84 -4.56
C ALA A 344 5.90 -37.79 -5.74
N ALA A 345 4.83 -38.19 -6.42
CA ALA A 345 4.94 -39.08 -7.55
C ALA A 345 5.74 -38.40 -8.66
N PHE A 346 5.62 -37.08 -8.75
CA PHE A 346 6.33 -36.32 -9.78
C PHE A 346 7.86 -36.25 -9.53
N LEU A 347 8.23 -35.80 -8.34
CA LEU A 347 9.65 -35.68 -8.00
C LEU A 347 10.34 -37.05 -8.02
N ALA A 348 9.56 -38.10 -7.79
CA ALA A 348 10.12 -39.46 -7.78
C ALA A 348 10.33 -39.96 -9.21
N GLY A 349 9.78 -39.23 -10.16
CA GLY A 349 9.93 -39.61 -11.56
C GLY A 349 8.91 -40.62 -12.03
N ARG A 350 7.75 -40.65 -11.38
CA ARG A 350 6.70 -41.59 -11.78
C ARG A 350 5.68 -40.99 -12.74
N ILE A 351 5.56 -39.66 -12.74
CA ILE A 351 4.62 -38.98 -13.62
C ILE A 351 5.18 -37.66 -14.10
N GLY A 352 4.48 -37.05 -15.05
CA GLY A 352 4.91 -35.77 -15.59
C GLY A 352 4.41 -34.55 -14.83
N PHE A 353 4.89 -33.37 -15.21
CA PHE A 353 4.54 -32.11 -14.58
C PHE A 353 3.08 -31.68 -14.81
N PRO A 354 2.58 -31.79 -16.06
CA PRO A 354 1.20 -31.40 -16.32
C PRO A 354 0.25 -32.35 -15.60
N ALA A 355 0.79 -33.50 -15.20
CA ALA A 355 0.04 -34.54 -14.52
C ALA A 355 -0.31 -34.16 -13.09
N ILE A 356 0.44 -33.24 -12.50
CA ILE A 356 0.19 -32.82 -11.14
C ILE A 356 -1.22 -32.23 -11.04
N VAL A 357 -1.46 -31.17 -11.80
CA VAL A 357 -2.78 -30.53 -11.79
C VAL A 357 -3.82 -31.51 -12.32
N GLY A 358 -3.44 -32.29 -13.33
CA GLY A 358 -4.35 -33.26 -13.92
C GLY A 358 -4.90 -34.27 -12.93
N ILE A 359 -4.02 -34.85 -12.13
CA ILE A 359 -4.43 -35.82 -11.13
C ILE A 359 -5.34 -35.16 -10.10
N ILE A 360 -5.14 -33.86 -9.86
CA ILE A 360 -5.96 -33.14 -8.89
C ILE A 360 -7.41 -32.96 -9.35
N ALA A 361 -7.62 -32.62 -10.61
CA ALA A 361 -8.98 -32.44 -11.14
C ALA A 361 -9.71 -33.79 -11.10
N ASP A 362 -8.94 -34.85 -11.31
CA ASP A 362 -9.48 -36.20 -11.28
C ASP A 362 -10.04 -36.52 -9.91
N VAL A 363 -9.17 -36.45 -8.91
CA VAL A 363 -9.56 -36.73 -7.54
C VAL A 363 -10.72 -35.83 -7.11
N LEU A 364 -10.65 -34.55 -7.44
CA LEU A 364 -11.70 -33.62 -7.08
C LEU A 364 -13.04 -33.91 -7.75
N HIS A 365 -13.02 -34.37 -9.00
CA HIS A 365 -14.26 -34.68 -9.70
C HIS A 365 -15.03 -35.82 -9.01
N ALA A 366 -14.32 -36.61 -8.19
CA ALA A 366 -14.93 -37.73 -7.48
C ALA A 366 -15.19 -37.46 -6.01
N ALA A 367 -14.64 -36.36 -5.49
CA ALA A 367 -14.78 -36.01 -4.06
C ALA A 367 -16.17 -35.56 -3.62
N ASP A 368 -17.19 -36.00 -4.35
CA ASP A 368 -18.59 -35.66 -4.07
C ASP A 368 -19.03 -35.80 -2.62
N GLN A 369 -18.71 -36.91 -1.99
CA GLN A 369 -19.10 -37.15 -0.61
C GLN A 369 -18.35 -36.27 0.38
N TRP A 370 -17.43 -35.45 -0.11
CA TRP A 370 -16.64 -34.62 0.80
C TRP A 370 -16.96 -33.13 0.81
N ALA A 371 -18.13 -32.77 0.26
CA ALA A 371 -18.54 -31.38 0.25
C ALA A 371 -19.08 -31.01 1.64
N VAL A 372 -19.06 -31.99 2.54
CA VAL A 372 -19.54 -31.80 3.91
C VAL A 372 -18.49 -31.17 4.83
N GLU A 373 -18.91 -30.19 5.63
CA GLU A 373 -18.00 -29.54 6.57
C GLU A 373 -17.57 -30.60 7.57
N PRO A 374 -16.32 -30.56 8.02
CA PRO A 374 -15.83 -31.56 8.98
C PRO A 374 -16.30 -31.28 10.41
N ALA A 375 -16.78 -32.31 11.09
CA ALA A 375 -17.24 -32.17 12.46
C ALA A 375 -16.06 -32.32 13.42
N THR A 376 -15.12 -33.18 13.06
CA THR A 376 -13.95 -33.45 13.89
C THR A 376 -12.74 -33.68 12.99
N VAL A 377 -11.53 -33.51 13.55
CA VAL A 377 -10.30 -33.73 12.81
C VAL A 377 -10.45 -34.98 11.96
N ASP A 378 -11.03 -36.01 12.56
CA ASP A 378 -11.24 -37.30 11.90
C ASP A 378 -11.92 -37.21 10.53
N ASP A 379 -12.96 -36.41 10.43
CA ASP A 379 -13.66 -36.23 9.15
C ASP A 379 -12.66 -35.77 8.09
N VAL A 380 -11.73 -34.92 8.51
CA VAL A 380 -10.71 -34.37 7.64
C VAL A 380 -9.62 -35.39 7.32
N LEU A 381 -9.26 -36.20 8.31
CA LEU A 381 -8.24 -37.23 8.12
C LEU A 381 -8.81 -38.26 7.16
N ASP A 382 -10.13 -38.44 7.23
CA ASP A 382 -10.85 -39.38 6.39
C ASP A 382 -10.84 -38.90 4.96
N ALA A 383 -11.13 -37.61 4.76
CA ALA A 383 -11.14 -37.03 3.42
C ALA A 383 -9.75 -37.09 2.80
N GLN A 384 -8.73 -36.65 3.54
CA GLN A 384 -7.36 -36.68 3.04
C GLN A 384 -6.94 -38.14 2.76
N ARG A 385 -7.36 -39.03 3.66
CA ARG A 385 -7.05 -40.44 3.50
C ARG A 385 -7.54 -40.85 2.12
N TRP A 386 -8.85 -40.65 1.90
CA TRP A 386 -9.48 -40.99 0.63
C TRP A 386 -8.74 -40.36 -0.55
N ALA A 387 -8.52 -39.05 -0.47
CA ALA A 387 -7.85 -38.33 -1.52
C ALA A 387 -6.49 -38.94 -1.88
N ARG A 388 -5.66 -39.22 -0.86
CA ARG A 388 -4.35 -39.80 -1.10
C ARG A 388 -4.42 -41.11 -1.88
N GLU A 389 -5.30 -42.01 -1.48
CA GLU A 389 -5.45 -43.28 -2.18
C GLU A 389 -5.96 -43.08 -3.61
N ARG A 390 -7.06 -42.35 -3.74
CA ARG A 390 -7.65 -42.06 -5.03
C ARG A 390 -6.59 -41.42 -5.92
N ALA A 391 -5.64 -40.76 -5.28
CA ALA A 391 -4.58 -40.11 -6.02
C ALA A 391 -3.55 -41.13 -6.49
N GLN A 392 -3.27 -42.14 -5.67
CA GLN A 392 -2.31 -43.18 -6.02
C GLN A 392 -2.91 -43.98 -7.19
N ARG A 393 -4.21 -44.26 -7.08
CA ARG A 393 -4.93 -45.00 -8.10
C ARG A 393 -4.85 -44.30 -9.44
N ALA A 394 -4.90 -42.97 -9.41
CA ALA A 394 -4.82 -42.18 -10.62
C ALA A 394 -3.38 -42.16 -11.14
N VAL A 395 -2.42 -42.21 -10.22
CA VAL A 395 -1.02 -42.20 -10.63
C VAL A 395 -0.68 -43.55 -11.22
N SER A 396 -1.02 -44.60 -10.49
CA SER A 396 -0.74 -45.94 -10.96
C SER A 396 -1.57 -46.23 -12.20
N GLY A 397 -2.53 -45.35 -12.47
CA GLY A 397 -3.37 -45.52 -13.64
C GLY A 397 -2.59 -45.17 -14.89
N MET A 398 -1.50 -44.43 -14.71
CA MET A 398 -0.62 -44.03 -15.82
C MET A 398 0.58 -44.95 -15.87
N GLY B 20 -25.59 9.34 7.73
CA GLY B 20 -25.41 10.81 8.01
C GLY B 20 -25.03 11.59 6.76
N ARG B 21 -25.70 12.71 6.52
CA ARG B 21 -25.42 13.53 5.36
C ARG B 21 -24.61 14.79 5.69
N LEU B 22 -23.32 14.75 5.38
CA LEU B 22 -22.40 15.86 5.63
C LEU B 22 -22.73 17.10 4.80
N ARG B 23 -22.64 18.28 5.42
CA ARG B 23 -22.93 19.53 4.72
C ARG B 23 -21.62 20.19 4.24
N VAL B 24 -21.47 20.29 2.92
CA VAL B 24 -20.26 20.82 2.28
C VAL B 24 -20.31 22.27 1.78
N VAL B 25 -19.23 23.00 2.01
CA VAL B 25 -19.09 24.35 1.51
C VAL B 25 -17.97 24.25 0.49
N VAL B 26 -18.26 24.57 -0.76
CA VAL B 26 -17.25 24.48 -1.81
C VAL B 26 -16.69 25.85 -2.16
N LEU B 27 -15.44 26.10 -1.79
CA LEU B 27 -14.82 27.38 -2.12
C LEU B 27 -14.03 27.18 -3.42
N GLY B 28 -14.37 27.95 -4.46
CA GLY B 28 -13.71 27.80 -5.74
C GLY B 28 -14.50 26.77 -6.54
N SER B 29 -15.82 26.93 -6.52
CA SER B 29 -16.76 26.03 -7.19
C SER B 29 -16.70 25.97 -8.71
N THR B 30 -16.17 26.99 -9.35
CA THR B 30 -16.14 26.97 -10.81
C THR B 30 -14.82 26.40 -11.37
N GLY B 31 -13.88 26.11 -10.46
CA GLY B 31 -12.61 25.57 -10.90
C GLY B 31 -12.62 24.09 -11.20
N SER B 32 -11.42 23.54 -11.37
CA SER B 32 -11.23 22.13 -11.66
C SER B 32 -11.56 21.24 -10.46
N ILE B 33 -10.92 21.47 -9.32
CA ILE B 33 -11.19 20.66 -8.14
C ILE B 33 -12.64 20.86 -7.69
N GLY B 34 -13.10 22.10 -7.74
CA GLY B 34 -14.45 22.39 -7.33
C GLY B 34 -15.56 21.79 -8.16
N THR B 35 -15.39 21.70 -9.49
CA THR B 35 -16.48 21.13 -10.30
C THR B 35 -16.54 19.64 -10.15
N GLN B 36 -15.39 19.03 -9.90
CA GLN B 36 -15.31 17.58 -9.73
C GLN B 36 -15.91 17.21 -8.39
N ALA B 37 -15.74 18.08 -7.39
CA ALA B 37 -16.30 17.84 -6.07
C ALA B 37 -17.82 17.87 -6.18
N LEU B 38 -18.34 18.82 -6.97
CA LEU B 38 -19.78 18.93 -7.16
C LEU B 38 -20.31 17.70 -7.92
N GLN B 39 -19.55 17.20 -8.89
CA GLN B 39 -19.98 16.01 -9.61
C GLN B 39 -20.13 14.87 -8.60
N VAL B 40 -19.10 14.70 -7.75
CA VAL B 40 -19.11 13.66 -6.73
C VAL B 40 -20.31 13.80 -5.80
N ILE B 41 -20.58 15.04 -5.40
CA ILE B 41 -21.69 15.31 -4.50
C ILE B 41 -23.02 15.08 -5.22
N ALA B 42 -23.10 15.50 -6.48
CA ALA B 42 -24.32 15.32 -7.23
C ALA B 42 -24.65 13.84 -7.36
N ASP B 43 -23.62 13.02 -7.54
CA ASP B 43 -23.81 11.58 -7.70
C ASP B 43 -23.87 10.77 -6.39
N ASN B 44 -23.79 11.46 -5.25
CA ASN B 44 -23.86 10.81 -3.93
C ASN B 44 -24.66 11.66 -2.96
N PRO B 45 -25.91 11.97 -3.31
CA PRO B 45 -26.75 12.78 -2.41
C PRO B 45 -26.97 12.16 -1.04
N ASP B 46 -27.03 10.84 -0.99
CA ASP B 46 -27.22 10.17 0.29
C ASP B 46 -26.15 10.55 1.32
N ARG B 47 -24.95 10.88 0.84
CA ARG B 47 -23.82 11.25 1.70
C ARG B 47 -23.59 12.74 1.86
N PHE B 48 -23.61 13.47 0.75
CA PHE B 48 -23.34 14.91 0.81
C PHE B 48 -24.47 15.83 0.44
N GLU B 49 -24.26 17.11 0.72
CA GLU B 49 -25.22 18.15 0.42
C GLU B 49 -24.44 19.47 0.41
N VAL B 50 -24.61 20.24 -0.66
CA VAL B 50 -23.97 21.54 -0.81
C VAL B 50 -24.81 22.57 -0.08
N VAL B 51 -24.17 23.41 0.72
CA VAL B 51 -24.87 24.44 1.46
C VAL B 51 -24.23 25.80 1.26
N GLY B 52 -23.34 25.91 0.26
CA GLY B 52 -22.65 27.16 -0.01
C GLY B 52 -21.57 27.06 -1.08
N LEU B 53 -21.51 28.04 -1.97
CA LEU B 53 -20.52 28.02 -3.04
C LEU B 53 -19.81 29.36 -3.12
N ALA B 54 -18.53 29.33 -3.49
CA ALA B 54 -17.77 30.57 -3.62
C ALA B 54 -16.82 30.55 -4.83
N ALA B 55 -16.87 31.59 -5.65
CA ALA B 55 -16.01 31.70 -6.82
C ALA B 55 -15.40 33.10 -6.88
N GLY B 56 -14.58 33.35 -7.88
CA GLY B 56 -13.94 34.65 -7.98
C GLY B 56 -14.69 35.67 -8.80
N GLY B 57 -15.46 35.22 -9.78
CA GLY B 57 -16.19 36.17 -10.59
C GLY B 57 -15.74 36.09 -12.03
N ALA B 58 -14.65 35.39 -12.26
CA ALA B 58 -14.15 35.24 -13.62
C ALA B 58 -15.16 34.40 -14.39
N HIS B 59 -15.90 33.54 -13.70
CA HIS B 59 -16.88 32.70 -14.37
C HIS B 59 -18.21 32.77 -13.67
N LEU B 60 -18.67 33.99 -13.48
CA LEU B 60 -19.92 34.30 -12.83
C LEU B 60 -21.11 33.51 -13.38
N ASP B 61 -21.21 33.43 -14.69
CA ASP B 61 -22.29 32.71 -15.32
C ASP B 61 -22.31 31.27 -14.85
N THR B 62 -21.15 30.63 -14.79
CA THR B 62 -21.09 29.24 -14.32
C THR B 62 -21.57 29.12 -12.87
N LEU B 63 -21.21 30.10 -12.04
CA LEU B 63 -21.61 30.13 -10.65
C LEU B 63 -23.12 30.30 -10.50
N LEU B 64 -23.70 31.15 -11.33
CA LEU B 64 -25.14 31.40 -11.29
C LEU B 64 -25.90 30.17 -11.76
N ARG B 65 -25.32 29.46 -12.74
CA ARG B 65 -25.89 28.23 -13.26
C ARG B 65 -25.82 27.18 -12.17
N GLN B 66 -24.75 27.22 -11.38
CA GLN B 66 -24.59 26.28 -10.27
C GLN B 66 -25.65 26.60 -9.23
N ARG B 67 -25.96 27.89 -9.07
CA ARG B 67 -26.99 28.31 -8.13
C ARG B 67 -28.32 27.71 -8.62
N ALA B 68 -28.57 27.86 -9.92
CA ALA B 68 -29.78 27.34 -10.52
C ALA B 68 -29.87 25.83 -10.36
N GLN B 69 -28.80 25.12 -10.72
CA GLN B 69 -28.75 23.66 -10.64
C GLN B 69 -28.91 23.08 -9.23
N THR B 70 -27.98 23.39 -8.34
CA THR B 70 -28.04 22.88 -6.96
C THR B 70 -29.17 23.49 -6.14
N GLY B 71 -29.45 24.77 -6.33
CA GLY B 71 -30.50 25.41 -5.56
C GLY B 71 -29.95 26.20 -4.40
N VAL B 72 -28.63 26.40 -4.40
CA VAL B 72 -27.95 27.13 -3.33
C VAL B 72 -27.89 28.62 -3.63
N THR B 73 -28.52 29.43 -2.78
CA THR B 73 -28.51 30.87 -2.98
C THR B 73 -27.42 31.45 -2.11
N ASN B 74 -26.95 30.64 -1.18
CA ASN B 74 -25.89 31.03 -0.28
C ASN B 74 -24.58 31.01 -1.05
N ILE B 75 -24.36 32.04 -1.87
CA ILE B 75 -23.16 32.10 -2.67
C ILE B 75 -22.34 33.35 -2.44
N ALA B 76 -21.07 33.27 -2.82
CA ALA B 76 -20.15 34.37 -2.64
C ALA B 76 -19.27 34.57 -3.86
N VAL B 77 -19.06 35.82 -4.26
CA VAL B 77 -18.21 36.17 -5.40
C VAL B 77 -17.21 37.22 -4.92
N ALA B 78 -15.94 37.01 -5.22
CA ALA B 78 -14.90 37.94 -4.81
C ALA B 78 -14.93 39.27 -5.55
N ASP B 79 -15.11 39.22 -6.86
CA ASP B 79 -15.14 40.40 -7.71
C ASP B 79 -16.43 41.18 -7.59
N GLU B 80 -16.35 42.43 -7.11
CA GLU B 80 -17.51 43.30 -6.97
C GLU B 80 -18.05 43.69 -8.34
N HIS B 81 -17.13 43.99 -9.26
CA HIS B 81 -17.47 44.39 -10.63
C HIS B 81 -18.41 43.32 -11.18
N ALA B 82 -17.98 42.06 -11.08
CA ALA B 82 -18.77 40.93 -11.55
C ALA B 82 -20.07 40.86 -10.77
N ALA B 83 -19.96 41.02 -9.45
CA ALA B 83 -21.12 40.96 -8.58
C ALA B 83 -22.17 42.00 -8.98
N GLN B 84 -21.71 43.13 -9.54
CA GLN B 84 -22.63 44.19 -9.95
C GLN B 84 -23.58 43.69 -11.01
N ARG B 85 -23.11 42.77 -11.85
CA ARG B 85 -23.92 42.21 -12.93
C ARG B 85 -25.06 41.30 -12.44
N VAL B 86 -25.22 41.10 -11.14
CA VAL B 86 -26.28 40.21 -10.63
C VAL B 86 -27.21 40.82 -9.58
N GLY B 87 -26.67 41.63 -8.68
CA GLY B 87 -27.51 42.29 -7.70
C GLY B 87 -28.11 41.54 -6.51
N ASP B 88 -28.28 40.22 -6.57
CA ASP B 88 -28.84 39.48 -5.44
C ASP B 88 -27.91 38.39 -4.90
N ILE B 89 -26.64 38.75 -4.73
CA ILE B 89 -25.65 37.81 -4.20
C ILE B 89 -25.44 38.18 -2.76
N PRO B 90 -25.63 37.22 -1.83
CA PRO B 90 -25.46 37.47 -0.40
C PRO B 90 -24.07 37.91 0.03
N TYR B 91 -23.03 37.27 -0.50
CA TYR B 91 -21.67 37.67 -0.12
C TYR B 91 -20.88 38.14 -1.33
N HIS B 92 -20.31 39.35 -1.26
CA HIS B 92 -19.53 39.85 -2.37
C HIS B 92 -18.42 40.78 -1.92
N GLY B 93 -17.36 40.86 -2.72
CA GLY B 93 -16.24 41.69 -2.37
C GLY B 93 -15.12 40.86 -1.76
N SER B 94 -13.96 41.46 -1.56
CA SER B 94 -12.83 40.75 -0.98
C SER B 94 -13.31 40.25 0.36
N ASP B 95 -12.88 39.05 0.73
CA ASP B 95 -13.30 38.44 2.00
C ASP B 95 -14.70 37.87 1.95
N ALA B 96 -15.32 37.88 0.77
CA ALA B 96 -16.66 37.34 0.64
C ALA B 96 -16.63 35.86 1.04
N ALA B 97 -15.67 35.13 0.49
CA ALA B 97 -15.51 33.71 0.75
C ALA B 97 -15.26 33.42 2.22
N THR B 98 -14.56 34.34 2.90
CA THR B 98 -14.27 34.15 4.31
C THR B 98 -15.54 34.41 5.11
N ARG B 99 -16.28 35.44 4.73
CA ARG B 99 -17.53 35.78 5.40
C ARG B 99 -18.53 34.63 5.29
N LEU B 100 -18.65 34.06 4.10
CA LEU B 100 -19.57 32.96 3.84
C LEU B 100 -19.27 31.76 4.73
N VAL B 101 -17.99 31.50 4.94
CA VAL B 101 -17.56 30.38 5.78
C VAL B 101 -17.96 30.65 7.21
N GLU B 102 -17.62 31.83 7.70
CA GLU B 102 -17.94 32.21 9.08
C GLU B 102 -19.44 32.23 9.34
N GLN B 103 -20.20 32.51 8.28
CA GLN B 103 -21.64 32.61 8.36
C GLN B 103 -22.40 31.34 8.04
N THR B 104 -21.72 30.36 7.47
CA THR B 104 -22.39 29.13 7.12
C THR B 104 -22.14 27.93 8.04
N GLU B 105 -23.22 27.26 8.41
CA GLU B 105 -23.18 26.08 9.27
C GLU B 105 -22.80 24.92 8.37
N ALA B 106 -21.76 24.16 8.72
CA ALA B 106 -21.35 23.06 7.85
C ALA B 106 -20.48 22.01 8.51
N ASP B 107 -20.37 20.86 7.84
CA ASP B 107 -19.57 19.76 8.34
C ASP B 107 -18.25 19.66 7.62
N VAL B 108 -18.17 20.24 6.43
CA VAL B 108 -16.96 20.21 5.63
C VAL B 108 -16.82 21.42 4.72
N VAL B 109 -15.66 22.06 4.77
CA VAL B 109 -15.37 23.19 3.92
C VAL B 109 -14.26 22.71 2.99
N LEU B 110 -14.53 22.74 1.68
CA LEU B 110 -13.54 22.33 0.70
C LEU B 110 -12.91 23.57 0.13
N ASN B 111 -11.63 23.77 0.42
CA ASN B 111 -10.93 24.94 -0.09
C ASN B 111 -10.21 24.64 -1.40
N ALA B 112 -10.84 25.01 -2.51
CA ALA B 112 -10.26 24.80 -3.83
C ALA B 112 -9.86 26.14 -4.44
N LEU B 113 -9.53 27.10 -3.60
CA LEU B 113 -9.12 28.42 -4.06
C LEU B 113 -7.68 28.35 -4.50
N VAL B 114 -7.27 29.28 -5.36
CA VAL B 114 -5.89 29.31 -5.85
C VAL B 114 -5.17 30.54 -5.34
N GLY B 115 -3.91 30.36 -4.96
CA GLY B 115 -3.12 31.47 -4.47
C GLY B 115 -3.23 31.73 -2.99
N ALA B 116 -2.48 32.71 -2.52
CA ALA B 116 -2.45 33.09 -1.12
C ALA B 116 -3.75 33.68 -0.57
N LEU B 117 -4.68 34.03 -1.45
CA LEU B 117 -5.94 34.59 -0.99
C LEU B 117 -6.85 33.48 -0.46
N GLY B 118 -6.34 32.26 -0.52
CA GLY B 118 -7.08 31.12 -0.02
C GLY B 118 -6.71 30.87 1.43
N LEU B 119 -5.74 31.65 1.91
CA LEU B 119 -5.25 31.54 3.29
C LEU B 119 -6.27 32.00 4.32
N ARG B 120 -6.88 33.18 4.14
CA ARG B 120 -7.87 33.64 5.12
C ARG B 120 -9.06 32.66 5.23
N PRO B 121 -9.58 32.17 4.10
CA PRO B 121 -10.71 31.23 4.16
C PRO B 121 -10.36 29.95 4.93
N THR B 122 -9.17 29.42 4.68
CA THR B 122 -8.71 28.21 5.38
C THR B 122 -8.72 28.46 6.89
N LEU B 123 -8.20 29.61 7.32
CA LEU B 123 -8.18 29.96 8.73
C LEU B 123 -9.58 30.14 9.32
N ALA B 124 -10.45 30.81 8.59
CA ALA B 124 -11.79 31.01 9.09
C ALA B 124 -12.48 29.66 9.22
N ALA B 125 -12.22 28.78 8.25
CA ALA B 125 -12.82 27.46 8.25
C ALA B 125 -12.46 26.67 9.50
N LEU B 126 -11.16 26.54 9.75
CA LEU B 126 -10.66 25.82 10.92
C LEU B 126 -11.31 26.30 12.21
N LYS B 127 -11.53 27.61 12.33
CA LYS B 127 -12.13 28.16 13.54
C LYS B 127 -13.55 27.67 13.76
N THR B 128 -14.32 27.49 12.69
CA THR B 128 -15.68 27.00 12.84
C THR B 128 -15.63 25.58 13.38
N GLY B 129 -14.45 24.96 13.27
CA GLY B 129 -14.27 23.60 13.74
C GLY B 129 -14.62 22.52 12.72
N ALA B 130 -15.13 22.96 11.57
CA ALA B 130 -15.53 22.05 10.50
C ALA B 130 -14.30 21.30 9.97
N ARG B 131 -14.55 20.26 9.18
CA ARG B 131 -13.44 19.53 8.60
C ARG B 131 -12.96 20.30 7.38
N LEU B 132 -11.66 20.45 7.25
CA LEU B 132 -11.09 21.17 6.12
C LEU B 132 -10.48 20.27 5.06
N ALA B 133 -11.16 20.10 3.93
CA ALA B 133 -10.64 19.29 2.84
C ALA B 133 -9.81 20.33 2.09
N LEU B 134 -8.51 20.32 2.34
CA LEU B 134 -7.63 21.32 1.76
C LEU B 134 -6.99 21.01 0.41
N ALA B 135 -7.30 21.84 -0.58
CA ALA B 135 -6.76 21.70 -1.93
C ALA B 135 -5.76 22.85 -2.13
N ASN B 136 -6.19 24.07 -1.81
CA ASN B 136 -5.36 25.27 -1.92
C ASN B 136 -3.95 25.03 -1.38
N LYS B 137 -2.96 25.10 -2.27
CA LYS B 137 -1.58 24.86 -1.89
C LYS B 137 -0.89 25.91 -1.02
N GLU B 138 -1.26 27.18 -1.19
CA GLU B 138 -0.65 28.24 -0.42
C GLU B 138 -1.05 28.26 1.04
N SER B 139 -2.22 27.72 1.37
CA SER B 139 -2.64 27.71 2.76
C SER B 139 -1.54 27.05 3.59
N LEU B 140 -1.02 25.93 3.10
CA LEU B 140 0.04 25.23 3.82
C LEU B 140 1.45 25.74 3.47
N VAL B 141 1.73 25.88 2.19
CA VAL B 141 3.04 26.32 1.73
C VAL B 141 3.40 27.75 2.09
N ALA B 142 2.40 28.61 2.26
CA ALA B 142 2.67 30.00 2.63
C ALA B 142 2.34 30.27 4.09
N GLY B 143 1.15 29.87 4.53
CA GLY B 143 0.77 30.09 5.91
C GLY B 143 1.09 28.92 6.81
N GLY B 144 2.30 28.37 6.66
CA GLY B 144 2.74 27.23 7.44
C GLY B 144 2.37 27.12 8.91
N SER B 145 3.13 27.78 9.78
CA SER B 145 2.86 27.71 11.22
C SER B 145 1.49 28.30 11.59
N LEU B 146 1.04 29.29 10.83
CA LEU B 146 -0.25 29.93 11.09
C LEU B 146 -1.41 28.96 10.94
N VAL B 147 -1.29 28.05 9.99
CA VAL B 147 -2.34 27.07 9.76
C VAL B 147 -2.26 25.91 10.75
N LEU B 148 -1.05 25.43 11.01
CA LEU B 148 -0.91 24.34 11.96
C LEU B 148 -1.40 24.72 13.37
N ARG B 149 -0.87 25.83 13.90
CA ARG B 149 -1.26 26.28 15.23
C ARG B 149 -2.76 26.49 15.30
N ALA B 150 -3.35 26.78 14.15
CA ALA B 150 -4.79 27.05 14.08
C ALA B 150 -5.68 25.83 13.97
N ALA B 151 -5.20 24.80 13.28
CA ALA B 151 -5.99 23.58 13.11
C ALA B 151 -5.73 22.51 14.17
N ARG B 152 -6.73 21.68 14.45
CA ARG B 152 -6.52 20.61 15.41
C ARG B 152 -6.26 19.32 14.66
N PRO B 153 -5.64 18.34 15.31
CA PRO B 153 -5.33 17.05 14.69
C PRO B 153 -6.48 16.42 13.91
N GLY B 154 -6.17 15.92 12.72
CA GLY B 154 -7.16 15.26 11.90
C GLY B 154 -8.28 16.10 11.32
N GLN B 155 -8.18 17.42 11.49
CA GLN B 155 -9.22 18.32 10.98
C GLN B 155 -9.01 18.64 9.52
N ILE B 156 -7.75 18.59 9.09
CA ILE B 156 -7.41 18.86 7.72
C ILE B 156 -7.20 17.55 6.95
N VAL B 157 -7.99 17.34 5.90
CA VAL B 157 -7.81 16.14 5.08
C VAL B 157 -7.37 16.65 3.71
N PRO B 158 -6.21 16.19 3.23
CA PRO B 158 -5.64 16.59 1.94
C PRO B 158 -6.42 16.11 0.72
N VAL B 159 -6.49 16.96 -0.29
CA VAL B 159 -7.19 16.67 -1.54
C VAL B 159 -6.16 16.37 -2.63
N ASP B 160 -4.90 16.69 -2.40
CA ASP B 160 -3.89 16.39 -3.40
C ASP B 160 -3.68 14.88 -3.50
N SER B 161 -3.59 14.38 -4.73
CA SER B 161 -3.41 12.96 -4.95
C SER B 161 -2.24 12.36 -4.15
N GLU B 162 -1.11 13.05 -4.13
CA GLU B 162 0.06 12.56 -3.39
C GLU B 162 -0.20 12.42 -1.89
N HIS B 163 -0.73 13.47 -1.29
CA HIS B 163 -1.03 13.47 0.14
C HIS B 163 -2.18 12.52 0.51
N SER B 164 -3.20 12.43 -0.34
CA SER B 164 -4.27 11.51 -0.05
C SER B 164 -3.69 10.08 0.02
N ALA B 165 -2.71 9.82 -0.84
CA ALA B 165 -2.07 8.50 -0.88
C ALA B 165 -1.33 8.23 0.43
N LEU B 166 -0.55 9.20 0.87
CA LEU B 166 0.22 9.07 2.10
C LEU B 166 -0.66 8.92 3.30
N ALA B 167 -1.82 9.57 3.25
CA ALA B 167 -2.79 9.50 4.34
C ALA B 167 -3.34 8.09 4.49
N GLN B 168 -3.57 7.41 3.37
CA GLN B 168 -4.10 6.04 3.37
C GLN B 168 -3.03 5.00 3.69
N CYS B 169 -1.81 5.25 3.22
CA CYS B 169 -0.69 4.34 3.46
C CYS B 169 -0.21 4.41 4.90
N LEU B 170 -0.41 5.55 5.56
CA LEU B 170 0.03 5.68 6.93
C LEU B 170 -0.78 4.82 7.88
N ARG B 171 -1.84 4.22 7.39
CA ARG B 171 -2.65 3.38 8.25
C ARG B 171 -1.89 2.08 8.45
N GLY B 172 -0.77 1.95 7.76
CA GLY B 172 0.03 0.73 7.84
C GLY B 172 0.85 0.57 9.10
N GLY B 173 0.92 1.64 9.89
CA GLY B 173 1.67 1.59 11.12
C GLY B 173 1.44 2.84 11.93
N THR B 174 2.15 2.97 13.05
CA THR B 174 2.01 4.14 13.88
C THR B 174 2.98 5.21 13.40
N PRO B 175 2.81 6.45 13.86
CA PRO B 175 3.71 7.51 13.45
C PRO B 175 5.18 7.18 13.72
N ASP B 176 5.43 6.50 14.84
CA ASP B 176 6.80 6.14 15.20
C ASP B 176 7.39 4.91 14.50
N GLU B 177 6.68 4.36 13.52
CA GLU B 177 7.14 3.19 12.78
C GLU B 177 7.48 3.59 11.35
N VAL B 178 7.16 4.83 11.02
CA VAL B 178 7.40 5.36 9.69
C VAL B 178 8.88 5.70 9.56
N ALA B 179 9.54 5.07 8.60
CA ALA B 179 10.94 5.31 8.38
C ALA B 179 11.11 6.40 7.32
N LYS B 180 10.09 6.55 6.47
CA LYS B 180 10.16 7.57 5.45
C LYS B 180 8.96 7.62 4.51
N LEU B 181 8.69 8.83 4.00
CA LEU B 181 7.59 9.05 3.07
C LEU B 181 8.16 9.21 1.67
N VAL B 182 7.62 8.43 0.73
CA VAL B 182 8.09 8.49 -0.64
C VAL B 182 7.01 9.00 -1.57
N LEU B 183 7.23 10.21 -2.09
CA LEU B 183 6.31 10.83 -3.04
C LEU B 183 6.78 10.51 -4.42
N THR B 184 5.84 10.30 -5.32
CA THR B 184 6.15 10.00 -6.70
C THR B 184 5.84 11.21 -7.56
N ALA B 185 6.69 11.41 -8.57
CA ALA B 185 6.57 12.50 -9.53
C ALA B 185 6.62 11.92 -10.93
N SER B 186 5.87 12.51 -11.86
CA SER B 186 5.84 12.02 -13.23
C SER B 186 7.17 12.28 -13.91
N GLY B 187 7.84 13.34 -13.48
CA GLY B 187 9.13 13.69 -14.05
C GLY B 187 8.98 14.73 -15.13
N GLY B 188 7.74 14.94 -15.56
CA GLY B 188 7.47 15.92 -16.60
C GLY B 188 7.88 15.53 -18.01
N PRO B 189 7.99 16.52 -18.91
CA PRO B 189 8.38 16.29 -20.31
C PRO B 189 9.89 16.12 -20.57
N PHE B 190 10.71 16.64 -19.66
CA PHE B 190 12.16 16.55 -19.81
C PHE B 190 12.72 15.51 -18.84
N ARG B 191 11.88 14.55 -18.51
CA ARG B 191 12.26 13.46 -17.62
C ARG B 191 13.53 12.77 -18.08
N GLY B 192 14.49 12.63 -17.17
CA GLY B 192 15.73 11.98 -17.52
C GLY B 192 16.60 12.74 -18.52
N TRP B 193 16.27 14.00 -18.78
CA TRP B 193 17.06 14.80 -19.70
C TRP B 193 18.34 15.18 -18.98
N SER B 194 19.34 15.62 -19.74
CA SER B 194 20.62 16.02 -19.18
C SER B 194 20.68 17.54 -18.97
N ALA B 195 21.53 17.97 -18.05
CA ALA B 195 21.67 19.40 -17.74
C ALA B 195 21.77 20.23 -19.01
N ALA B 196 22.48 19.70 -20.00
CA ALA B 196 22.66 20.37 -21.27
C ALA B 196 21.29 20.56 -21.90
N ASP B 197 20.71 19.45 -22.35
CA ASP B 197 19.38 19.44 -22.98
C ASP B 197 18.43 20.52 -22.47
N LEU B 198 18.47 20.78 -21.16
CA LEU B 198 17.60 21.78 -20.56
C LEU B 198 17.92 23.20 -21.01
N GLU B 199 18.97 23.37 -21.80
CA GLU B 199 19.34 24.69 -22.26
C GLU B 199 18.47 25.22 -23.38
N HIS B 200 18.16 24.38 -24.36
CA HIS B 200 17.34 24.80 -25.50
C HIS B 200 15.84 24.54 -25.23
N VAL B 201 15.49 24.50 -23.95
CA VAL B 201 14.12 24.27 -23.50
C VAL B 201 13.25 25.51 -23.70
N THR B 202 12.13 25.35 -24.39
CA THR B 202 11.21 26.46 -24.64
C THR B 202 9.87 26.26 -23.95
N PRO B 203 9.12 27.35 -23.77
CA PRO B 203 7.80 27.37 -23.12
C PRO B 203 6.81 26.31 -23.57
N GLU B 204 6.54 26.22 -24.87
CA GLU B 204 5.58 25.24 -25.38
C GLU B 204 6.03 23.81 -25.09
N GLN B 205 7.34 23.57 -25.09
CA GLN B 205 7.84 22.23 -24.81
C GLN B 205 7.43 21.85 -23.39
N ALA B 206 7.66 22.75 -22.44
CA ALA B 206 7.30 22.50 -21.06
C ALA B 206 5.78 22.47 -20.89
N GLY B 207 5.08 22.21 -21.99
CA GLY B 207 3.63 22.13 -21.95
C GLY B 207 2.95 23.40 -21.49
N ALA B 208 3.66 24.52 -21.58
CA ALA B 208 3.11 25.81 -21.17
C ALA B 208 2.07 26.27 -22.19
N HIS B 209 0.93 25.59 -22.23
CA HIS B 209 -0.15 25.91 -23.15
C HIS B 209 -1.29 26.66 -22.45
N PRO B 210 -2.09 27.40 -23.23
CA PRO B 210 -3.21 28.16 -22.68
C PRO B 210 -4.47 27.31 -22.60
N THR B 211 -4.41 26.19 -21.87
CA THR B 211 -5.56 25.32 -21.71
C THR B 211 -6.74 26.13 -21.22
N TRP B 212 -7.94 25.71 -21.56
CA TRP B 212 -9.16 26.40 -21.19
C TRP B 212 -9.45 26.50 -19.68
N SER B 213 -8.94 25.55 -18.89
CA SER B 213 -9.20 25.54 -17.45
C SER B 213 -8.10 26.05 -16.52
N MET B 214 -6.96 25.36 -16.46
CA MET B 214 -5.86 25.79 -15.59
C MET B 214 -4.67 26.42 -16.34
N GLY B 215 -4.10 27.46 -15.73
CA GLY B 215 -2.98 28.17 -16.32
C GLY B 215 -1.74 27.32 -16.59
N PRO B 216 -0.75 27.89 -17.30
CA PRO B 216 0.51 27.21 -17.65
C PRO B 216 1.46 26.96 -16.48
N MET B 217 1.10 27.40 -15.28
CA MET B 217 1.94 27.22 -14.10
C MET B 217 2.10 25.77 -13.65
N ASN B 218 0.98 25.07 -13.45
CA ASN B 218 1.00 23.67 -13.02
C ASN B 218 1.89 22.85 -13.95
N THR B 219 1.55 22.88 -15.23
CA THR B 219 2.30 22.15 -16.24
C THR B 219 3.78 22.47 -16.14
N LEU B 220 4.09 23.72 -15.84
CA LEU B 220 5.47 24.14 -15.74
C LEU B 220 6.13 23.66 -14.44
N ASN B 221 5.44 23.87 -13.33
CA ASN B 221 5.97 23.43 -12.05
C ASN B 221 6.20 21.93 -12.11
N SER B 222 5.34 21.26 -12.86
CA SER B 222 5.42 19.83 -13.01
C SER B 222 6.60 19.46 -13.87
N ALA B 223 6.90 20.29 -14.86
CA ALA B 223 8.03 20.03 -15.73
C ALA B 223 9.32 20.46 -15.02
N SER B 224 9.20 21.37 -14.05
CA SER B 224 10.35 21.88 -13.31
C SER B 224 10.62 21.18 -11.98
N LEU B 225 9.67 20.35 -11.54
CA LEU B 225 9.74 19.60 -10.29
C LEU B 225 9.50 20.52 -9.10
N VAL B 226 9.08 21.75 -9.37
CA VAL B 226 8.81 22.69 -8.29
C VAL B 226 7.50 22.30 -7.62
N ASN B 227 6.66 21.57 -8.35
CA ASN B 227 5.37 21.13 -7.80
C ASN B 227 5.66 20.07 -6.73
N LYS B 228 6.56 19.16 -7.07
CA LYS B 228 6.95 18.11 -6.16
C LYS B 228 7.57 18.74 -4.93
N GLY B 229 8.32 19.83 -5.15
CA GLY B 229 8.95 20.52 -4.05
C GLY B 229 7.88 21.07 -3.11
N LEU B 230 6.86 21.68 -3.67
CA LEU B 230 5.78 22.24 -2.85
C LEU B 230 5.03 21.11 -2.15
N GLU B 231 4.89 19.97 -2.83
CA GLU B 231 4.19 18.82 -2.28
C GLU B 231 4.98 18.21 -1.14
N VAL B 232 6.31 18.32 -1.25
CA VAL B 232 7.21 17.80 -0.24
C VAL B 232 7.02 18.66 1.01
N ILE B 233 6.87 19.96 0.81
CA ILE B 233 6.69 20.88 1.93
C ILE B 233 5.36 20.62 2.61
N GLU B 234 4.32 20.40 1.82
CA GLU B 234 3.00 20.16 2.39
C GLU B 234 2.98 18.84 3.16
N THR B 235 3.83 17.91 2.74
CA THR B 235 3.92 16.61 3.40
C THR B 235 4.47 16.77 4.81
N HIS B 236 5.56 17.51 4.94
CA HIS B 236 6.18 17.75 6.23
C HIS B 236 5.15 18.31 7.21
N LEU B 237 4.54 19.43 6.84
CA LEU B 237 3.54 20.11 7.66
C LEU B 237 2.30 19.28 7.99
N LEU B 238 1.89 18.41 7.07
CA LEU B 238 0.71 17.58 7.28
C LEU B 238 0.96 16.34 8.12
N PHE B 239 2.12 15.72 7.96
CA PHE B 239 2.40 14.50 8.68
C PHE B 239 3.51 14.54 9.71
N GLY B 240 4.18 15.69 9.83
CA GLY B 240 5.24 15.82 10.81
C GLY B 240 6.54 15.08 10.57
N ILE B 241 6.75 14.56 9.37
CA ILE B 241 7.97 13.83 9.08
C ILE B 241 9.15 14.74 8.71
N PRO B 242 10.30 14.58 9.37
CA PRO B 242 11.46 15.42 9.05
C PRO B 242 11.79 15.34 7.56
N TYR B 243 12.16 16.48 6.99
CA TYR B 243 12.48 16.56 5.57
C TYR B 243 13.45 15.53 5.00
N ASP B 244 14.52 15.22 5.73
CA ASP B 244 15.51 14.25 5.24
C ASP B 244 15.00 12.83 5.20
N ARG B 245 13.75 12.65 5.65
CA ARG B 245 13.10 11.35 5.62
C ARG B 245 11.90 11.41 4.69
N ILE B 246 11.95 12.35 3.75
CA ILE B 246 10.91 12.53 2.75
C ILE B 246 11.61 12.43 1.38
N ASP B 247 11.45 11.30 0.70
CA ASP B 247 12.10 11.09 -0.58
C ASP B 247 11.14 11.35 -1.73
N VAL B 248 11.72 11.48 -2.92
CA VAL B 248 10.96 11.69 -4.12
C VAL B 248 11.53 10.71 -5.14
N VAL B 249 10.66 10.10 -5.93
CA VAL B 249 11.10 9.16 -6.94
C VAL B 249 10.23 9.35 -8.18
N VAL B 250 10.86 9.31 -9.35
CA VAL B 250 10.20 9.48 -10.65
C VAL B 250 9.41 8.22 -11.04
N HIS B 251 8.13 8.40 -11.32
CA HIS B 251 7.25 7.30 -11.71
C HIS B 251 6.38 7.75 -12.91
N PRO B 252 6.92 7.57 -14.14
CA PRO B 252 6.29 7.93 -15.42
C PRO B 252 4.78 7.66 -15.56
N GLN B 253 4.35 6.46 -15.24
CA GLN B 253 2.93 6.13 -15.36
C GLN B 253 2.02 6.91 -14.40
N SER B 254 2.58 7.38 -13.28
CA SER B 254 1.81 8.11 -12.27
C SER B 254 0.62 7.34 -11.71
N ILE B 255 0.81 6.03 -11.53
CA ILE B 255 -0.24 5.17 -10.99
C ILE B 255 -0.07 5.08 -9.49
N ILE B 256 1.16 4.87 -9.03
CA ILE B 256 1.40 4.87 -7.60
C ILE B 256 1.50 6.37 -7.33
N HIS B 257 0.90 6.84 -6.25
CA HIS B 257 0.93 8.27 -5.97
C HIS B 257 1.83 8.64 -4.82
N SER B 258 2.18 7.65 -4.02
CA SER B 258 3.06 7.85 -2.89
C SER B 258 3.17 6.56 -2.12
N MET B 259 4.20 6.47 -1.30
CA MET B 259 4.44 5.28 -0.52
C MET B 259 4.98 5.62 0.85
N VAL B 260 4.74 4.72 1.80
CA VAL B 260 5.21 4.87 3.16
C VAL B 260 6.08 3.66 3.44
N THR B 261 7.33 3.88 3.80
CA THR B 261 8.19 2.76 4.11
C THR B 261 8.33 2.74 5.62
N PHE B 262 8.19 1.56 6.22
CA PHE B 262 8.28 1.47 7.67
C PHE B 262 9.62 0.96 8.18
N ILE B 263 9.79 1.02 9.50
CA ILE B 263 11.03 0.61 10.15
C ILE B 263 11.42 -0.86 10.03
N ASP B 264 10.49 -1.68 9.58
CA ASP B 264 10.76 -3.10 9.45
C ASP B 264 11.04 -3.52 8.02
N GLY B 265 10.94 -2.56 7.09
CA GLY B 265 11.21 -2.85 5.69
C GLY B 265 10.01 -2.94 4.78
N SER B 266 8.83 -3.06 5.35
CA SER B 266 7.62 -3.15 4.55
C SER B 266 7.29 -1.78 3.98
N THR B 267 6.81 -1.74 2.75
CA THR B 267 6.43 -0.47 2.12
C THR B 267 4.99 -0.56 1.66
N ILE B 268 4.19 0.43 2.01
CA ILE B 268 2.79 0.45 1.62
C ILE B 268 2.60 1.49 0.54
N ALA B 269 1.97 1.11 -0.56
CA ALA B 269 1.77 2.06 -1.66
C ALA B 269 0.31 2.13 -2.01
N GLN B 270 -0.07 3.24 -2.63
CA GLN B 270 -1.44 3.42 -3.05
C GLN B 270 -1.41 3.63 -4.55
N ALA B 271 -2.13 2.79 -5.28
CA ALA B 271 -2.18 2.86 -6.75
C ALA B 271 -3.58 3.10 -7.25
N SER B 272 -3.70 3.85 -8.34
CA SER B 272 -5.00 4.10 -8.96
C SER B 272 -4.84 4.85 -10.28
N PRO B 273 -5.76 4.61 -11.23
CA PRO B 273 -5.62 5.35 -12.48
C PRO B 273 -5.79 6.81 -12.10
N PRO B 274 -5.16 7.71 -12.85
CA PRO B 274 -5.28 9.14 -12.54
C PRO B 274 -6.71 9.72 -12.63
N ASP B 275 -7.23 10.20 -11.51
CA ASP B 275 -8.56 10.81 -11.44
C ASP B 275 -8.64 11.45 -10.07
N MET B 276 -8.72 12.77 -10.01
CA MET B 276 -8.79 13.45 -8.73
C MET B 276 -10.10 13.18 -7.98
N LYS B 277 -11.13 12.76 -8.70
CA LYS B 277 -12.39 12.47 -8.02
C LYS B 277 -12.15 11.50 -6.86
N LEU B 278 -11.14 10.64 -6.99
CA LEU B 278 -10.80 9.67 -5.93
C LEU B 278 -10.32 10.40 -4.69
N PRO B 279 -9.21 11.13 -4.79
CA PRO B 279 -8.75 11.82 -3.58
C PRO B 279 -9.72 12.90 -3.12
N ILE B 280 -10.51 13.45 -4.05
CA ILE B 280 -11.48 14.47 -3.67
C ILE B 280 -12.60 13.84 -2.85
N SER B 281 -13.06 12.68 -3.26
CA SER B 281 -14.13 12.00 -2.52
C SER B 281 -13.65 11.48 -1.13
N LEU B 282 -12.32 11.46 -0.91
CA LEU B 282 -11.76 11.00 0.37
C LEU B 282 -11.77 12.11 1.32
N ALA B 283 -11.28 13.21 0.84
CA ALA B 283 -11.27 14.36 1.68
C ALA B 283 -12.68 14.74 2.07
N LEU B 284 -13.63 14.51 1.19
CA LEU B 284 -14.98 14.95 1.53
C LEU B 284 -15.63 14.11 2.61
N GLY B 285 -15.43 12.79 2.55
CA GLY B 285 -16.05 11.92 3.53
C GLY B 285 -15.13 11.10 4.41
N TRP B 286 -13.87 11.51 4.52
CA TRP B 286 -12.88 10.80 5.32
C TRP B 286 -13.50 10.44 6.65
N PRO B 287 -13.30 9.21 7.13
CA PRO B 287 -12.53 8.12 6.51
C PRO B 287 -13.37 7.11 5.73
N ARG B 288 -14.59 7.47 5.39
CA ARG B 288 -15.42 6.53 4.66
C ARG B 288 -15.26 6.69 3.15
N ARG B 289 -14.94 5.60 2.49
CA ARG B 289 -14.76 5.62 1.06
C ARG B 289 -16.10 5.80 0.35
N VAL B 290 -16.08 6.46 -0.80
CA VAL B 290 -17.31 6.71 -1.58
C VAL B 290 -17.38 5.72 -2.73
N SER B 291 -18.33 4.81 -2.68
CA SER B 291 -18.44 3.81 -3.72
C SER B 291 -18.45 4.39 -5.13
N GLY B 292 -17.55 3.86 -5.96
CA GLY B 292 -17.45 4.26 -7.36
C GLY B 292 -16.89 5.62 -7.70
N ALA B 293 -16.16 6.24 -6.77
CA ALA B 293 -15.60 7.55 -7.02
C ALA B 293 -14.83 7.55 -8.32
N ALA B 294 -13.90 6.61 -8.45
CA ALA B 294 -13.08 6.49 -9.64
C ALA B 294 -12.86 5.04 -10.03
N ALA B 295 -12.32 4.83 -11.23
CA ALA B 295 -12.05 3.49 -11.75
C ALA B 295 -10.79 2.89 -11.12
N ALA B 296 -10.86 1.62 -10.76
CA ALA B 296 -9.75 0.93 -10.13
C ALA B 296 -8.78 0.38 -11.15
N CYS B 297 -7.60 -0.02 -10.67
CA CYS B 297 -6.57 -0.61 -11.53
C CYS B 297 -7.01 -2.01 -11.95
N ASP B 298 -7.17 -2.19 -13.25
CA ASP B 298 -7.56 -3.48 -13.80
C ASP B 298 -6.28 -4.27 -14.09
N PHE B 299 -6.23 -5.52 -13.66
CA PHE B 299 -5.04 -6.32 -13.89
C PHE B 299 -5.29 -7.44 -14.90
N HIS B 300 -6.28 -7.22 -15.76
CA HIS B 300 -6.61 -8.18 -16.80
C HIS B 300 -5.66 -7.86 -17.93
N THR B 301 -5.05 -6.67 -17.84
CA THR B 301 -4.12 -6.17 -18.86
C THR B 301 -2.68 -6.11 -18.36
N ALA B 302 -1.75 -6.64 -19.16
CA ALA B 302 -0.34 -6.67 -18.83
C ALA B 302 0.32 -5.29 -18.90
N SER B 303 0.50 -4.67 -17.74
CA SER B 303 1.11 -3.35 -17.64
C SER B 303 2.46 -3.34 -16.94
N SER B 304 2.98 -2.15 -16.70
CA SER B 304 4.27 -2.01 -16.05
C SER B 304 4.31 -0.68 -15.26
N TRP B 305 4.96 -0.69 -14.10
CA TRP B 305 5.10 0.51 -13.28
C TRP B 305 6.60 0.71 -13.13
N GLU B 306 7.14 1.72 -13.78
CA GLU B 306 8.57 1.99 -13.71
C GLU B 306 8.97 3.07 -12.72
N PHE B 307 10.12 2.86 -12.10
CA PHE B 307 10.66 3.79 -11.11
C PHE B 307 12.10 4.13 -11.46
N GLU B 308 12.45 5.39 -11.31
CA GLU B 308 13.82 5.84 -11.56
C GLU B 308 14.13 7.03 -10.69
N PRO B 309 15.39 7.15 -10.26
CA PRO B 309 15.78 8.26 -9.41
C PRO B 309 15.77 9.59 -10.15
N LEU B 310 15.88 10.66 -9.39
CA LEU B 310 15.88 12.01 -9.92
C LEU B 310 17.30 12.56 -9.79
N ASP B 311 17.86 13.07 -10.89
CA ASP B 311 19.20 13.63 -10.82
C ASP B 311 19.01 15.02 -10.22
N THR B 312 19.37 15.15 -8.94
CA THR B 312 19.22 16.41 -8.26
C THR B 312 20.14 17.48 -8.85
N ASP B 313 21.21 17.05 -9.50
CA ASP B 313 22.15 17.99 -10.10
C ASP B 313 21.57 18.59 -11.38
N VAL B 314 20.38 18.13 -11.76
CA VAL B 314 19.74 18.64 -12.96
C VAL B 314 18.40 19.25 -12.57
N PHE B 315 17.85 18.75 -11.47
CA PHE B 315 16.58 19.22 -10.92
C PHE B 315 16.77 19.43 -9.43
N PRO B 316 17.40 20.54 -9.05
CA PRO B 316 17.65 20.86 -7.64
C PRO B 316 16.38 21.38 -6.99
N ALA B 317 15.32 21.49 -7.78
CA ALA B 317 14.02 21.98 -7.33
C ALA B 317 13.58 21.37 -6.00
N VAL B 318 13.59 20.05 -5.89
CA VAL B 318 13.18 19.39 -4.66
C VAL B 318 14.13 19.64 -3.50
N GLU B 319 15.43 19.63 -3.76
CA GLU B 319 16.40 19.88 -2.70
C GLU B 319 16.24 21.26 -2.03
N LEU B 320 15.85 22.26 -2.83
CA LEU B 320 15.63 23.62 -2.31
C LEU B 320 14.42 23.67 -1.41
N ALA B 321 13.33 23.06 -1.86
CA ALA B 321 12.12 23.02 -1.08
C ALA B 321 12.46 22.51 0.32
N ARG B 322 13.29 21.47 0.38
CA ARG B 322 13.68 20.90 1.67
C ARG B 322 14.51 21.89 2.48
N GLN B 323 15.42 22.61 1.84
CA GLN B 323 16.25 23.59 2.53
C GLN B 323 15.35 24.70 3.06
N ALA B 324 14.50 25.22 2.19
CA ALA B 324 13.58 26.28 2.56
C ALA B 324 12.69 25.86 3.73
N GLY B 325 12.13 24.66 3.66
CA GLY B 325 11.26 24.16 4.71
C GLY B 325 11.96 23.80 6.01
N VAL B 326 13.26 23.50 5.95
CA VAL B 326 14.01 23.16 7.16
C VAL B 326 14.29 24.45 7.91
N ALA B 327 14.25 25.55 7.15
CA ALA B 327 14.48 26.88 7.70
C ALA B 327 13.18 27.38 8.32
N GLY B 328 12.07 26.78 7.91
CA GLY B 328 10.78 27.15 8.44
C GLY B 328 10.40 28.62 8.31
N GLY B 329 9.54 29.08 9.21
CA GLY B 329 9.09 30.45 9.18
C GLY B 329 8.29 30.75 7.93
N CYS B 330 8.64 31.83 7.24
CA CYS B 330 7.95 32.21 6.01
C CYS B 330 8.84 31.88 4.83
N MET B 331 9.88 31.09 5.09
CA MET B 331 10.81 30.73 4.03
C MET B 331 10.17 29.93 2.91
N THR B 332 9.10 29.21 3.22
CA THR B 332 8.42 28.42 2.21
C THR B 332 7.55 29.36 1.37
N ALA B 333 7.11 30.45 1.99
CA ALA B 333 6.29 31.43 1.28
C ALA B 333 7.22 32.05 0.24
N VAL B 334 8.47 32.30 0.65
CA VAL B 334 9.50 32.88 -0.21
C VAL B 334 9.77 31.97 -1.39
N TYR B 335 9.95 30.69 -1.07
CA TYR B 335 10.19 29.66 -2.05
C TYR B 335 9.15 29.70 -3.18
N ASN B 336 7.89 29.77 -2.78
CA ASN B 336 6.78 29.78 -3.72
C ASN B 336 6.62 31.07 -4.51
N ALA B 337 6.80 32.20 -3.84
CA ALA B 337 6.69 33.48 -4.51
C ALA B 337 7.85 33.64 -5.51
N ALA B 338 9.05 33.29 -5.06
CA ALA B 338 10.23 33.39 -5.90
C ALA B 338 10.03 32.57 -7.16
N ASN B 339 9.39 31.41 -7.02
CA ASN B 339 9.12 30.56 -8.17
C ASN B 339 8.09 31.23 -9.07
N GLU B 340 7.03 31.76 -8.46
CA GLU B 340 5.96 32.42 -9.21
C GLU B 340 6.48 33.40 -10.27
N GLU B 341 7.40 34.27 -9.85
CA GLU B 341 7.96 35.25 -10.76
C GLU B 341 8.95 34.61 -11.73
N ALA B 342 9.89 33.84 -11.21
CA ALA B 342 10.87 33.18 -12.06
C ALA B 342 10.16 32.43 -13.18
N ALA B 343 9.10 31.73 -12.81
CA ALA B 343 8.32 30.97 -13.78
C ALA B 343 7.76 31.91 -14.84
N ALA B 344 7.31 33.08 -14.40
CA ALA B 344 6.76 34.06 -15.34
C ALA B 344 7.85 34.55 -16.28
N ALA B 345 9.04 34.83 -15.72
CA ALA B 345 10.19 35.28 -16.48
C ALA B 345 10.51 34.28 -17.59
N PHE B 346 10.48 32.99 -17.25
CA PHE B 346 10.73 31.96 -18.24
C PHE B 346 9.63 31.95 -19.30
N LEU B 347 8.38 32.11 -18.86
CA LEU B 347 7.26 32.12 -19.78
C LEU B 347 7.24 33.34 -20.67
N ALA B 348 8.04 34.34 -20.33
CA ALA B 348 8.11 35.57 -21.14
C ALA B 348 9.46 35.65 -21.85
N GLY B 349 10.17 34.52 -21.90
CA GLY B 349 11.47 34.45 -22.56
C GLY B 349 12.59 35.17 -21.85
N ARG B 350 12.26 36.01 -20.88
CA ARG B 350 13.23 36.78 -20.14
C ARG B 350 14.38 35.94 -19.60
N ILE B 351 14.17 34.63 -19.46
CA ILE B 351 15.21 33.72 -18.97
C ILE B 351 15.09 32.30 -19.53
N GLY B 352 16.12 31.49 -19.32
CA GLY B 352 16.11 30.12 -19.80
C GLY B 352 15.61 29.14 -18.74
N PHE B 353 15.32 27.92 -19.14
CA PHE B 353 14.79 26.92 -18.22
C PHE B 353 15.57 26.68 -16.92
N PRO B 354 16.85 26.28 -17.03
CA PRO B 354 17.61 26.04 -15.79
C PRO B 354 17.59 27.26 -14.87
N ALA B 355 17.29 28.43 -15.45
CA ALA B 355 17.26 29.68 -14.70
C ALA B 355 16.16 29.84 -13.65
N ILE B 356 15.08 29.07 -13.78
CA ILE B 356 13.98 29.17 -12.85
C ILE B 356 14.39 28.78 -11.43
N VAL B 357 14.93 27.57 -11.28
CA VAL B 357 15.34 27.10 -9.97
C VAL B 357 16.54 27.89 -9.47
N GLY B 358 17.39 28.31 -10.39
CA GLY B 358 18.56 29.08 -10.06
C GLY B 358 18.18 30.40 -9.41
N ILE B 359 17.20 31.09 -10.01
CA ILE B 359 16.74 32.35 -9.45
C ILE B 359 16.11 32.09 -8.08
N ILE B 360 15.35 31.00 -7.97
CA ILE B 360 14.72 30.64 -6.69
C ILE B 360 15.83 30.45 -5.67
N ALA B 361 16.90 29.79 -6.10
CA ALA B 361 18.06 29.53 -5.25
C ALA B 361 18.60 30.86 -4.69
N ASP B 362 18.80 31.82 -5.58
CA ASP B 362 19.29 33.14 -5.18
C ASP B 362 18.43 33.76 -4.09
N VAL B 363 17.16 34.04 -4.44
CA VAL B 363 16.19 34.67 -3.54
C VAL B 363 16.12 34.08 -2.12
N LEU B 364 16.21 32.76 -2.02
CA LEU B 364 16.16 32.11 -0.72
C LEU B 364 17.44 32.32 0.07
N HIS B 365 18.57 32.37 -0.63
CA HIS B 365 19.86 32.55 0.02
C HIS B 365 20.00 33.95 0.64
N ALA B 366 19.05 34.82 0.34
CA ALA B 366 19.09 36.18 0.86
C ALA B 366 17.88 36.53 1.72
N ALA B 367 17.04 35.54 2.03
CA ALA B 367 15.85 35.79 2.82
C ALA B 367 15.94 35.36 4.27
N ASP B 368 17.16 35.12 4.74
CA ASP B 368 17.40 34.68 6.11
C ASP B 368 16.55 35.40 7.14
N GLN B 369 16.11 36.61 6.81
CA GLN B 369 15.29 37.41 7.71
C GLN B 369 13.87 36.87 7.82
N TRP B 370 13.44 36.13 6.81
CA TRP B 370 12.10 35.57 6.78
C TRP B 370 12.01 34.19 7.42
N ALA B 371 13.03 33.85 8.19
CA ALA B 371 13.09 32.57 8.88
C ALA B 371 12.20 32.65 10.12
N VAL B 372 11.79 33.86 10.47
CA VAL B 372 10.92 34.10 11.62
C VAL B 372 9.52 33.54 11.40
N GLU B 373 8.91 33.05 12.48
CA GLU B 373 7.56 32.51 12.39
C GLU B 373 6.58 33.65 12.13
N PRO B 374 5.72 33.51 11.13
CA PRO B 374 4.76 34.59 10.86
C PRO B 374 3.75 34.67 12.00
N ALA B 375 3.35 35.87 12.36
CA ALA B 375 2.39 36.06 13.44
C ALA B 375 0.98 36.29 12.89
N THR B 376 0.90 37.06 11.81
CA THR B 376 -0.37 37.37 11.17
C THR B 376 -0.29 37.09 9.67
N VAL B 377 -1.43 37.02 9.02
CA VAL B 377 -1.49 36.77 7.58
C VAL B 377 -0.64 37.78 6.80
N ASP B 378 -0.53 38.99 7.33
CA ASP B 378 0.24 40.02 6.66
C ASP B 378 1.74 39.69 6.64
N ASP B 379 2.17 38.93 7.63
CA ASP B 379 3.58 38.53 7.70
C ASP B 379 3.93 37.69 6.47
N VAL B 380 2.99 36.84 6.07
CA VAL B 380 3.16 35.97 4.91
C VAL B 380 3.11 36.76 3.60
N LEU B 381 2.12 37.64 3.48
CA LEU B 381 1.97 38.42 2.26
C LEU B 381 3.21 39.27 2.04
N ASP B 382 3.77 39.82 3.13
CA ASP B 382 4.95 40.65 3.02
C ASP B 382 6.12 39.83 2.47
N ALA B 383 6.37 38.67 3.07
CA ALA B 383 7.45 37.82 2.61
C ALA B 383 7.36 37.56 1.11
N GLN B 384 6.14 37.41 0.60
CA GLN B 384 5.96 37.14 -0.81
C GLN B 384 6.18 38.39 -1.64
N ARG B 385 5.63 39.50 -1.16
CA ARG B 385 5.78 40.76 -1.84
C ARG B 385 7.28 40.99 -2.02
N TRP B 386 8.02 40.59 -0.97
CA TRP B 386 9.47 40.71 -0.92
C TRP B 386 10.19 39.79 -1.89
N ALA B 387 9.92 38.51 -1.80
CA ALA B 387 10.55 37.52 -2.67
C ALA B 387 10.36 37.82 -4.17
N ARG B 388 9.20 38.33 -4.56
CA ARG B 388 8.96 38.66 -5.95
C ARG B 388 9.94 39.75 -6.36
N GLU B 389 10.01 40.80 -5.55
CA GLU B 389 10.90 41.91 -5.83
C GLU B 389 12.30 41.41 -6.07
N ARG B 390 12.85 40.70 -5.09
CA ARG B 390 14.19 40.16 -5.19
C ARG B 390 14.37 39.24 -6.40
N ALA B 391 13.36 38.43 -6.70
CA ALA B 391 13.44 37.53 -7.84
C ALA B 391 13.43 38.33 -9.16
N GLN B 392 12.61 39.36 -9.21
CA GLN B 392 12.47 40.20 -10.41
C GLN B 392 13.80 40.89 -10.70
N ARG B 393 14.54 41.20 -9.63
CA ARG B 393 15.85 41.85 -9.72
C ARG B 393 16.83 40.90 -10.39
N ALA B 394 16.94 39.68 -9.85
CA ALA B 394 17.85 38.68 -10.38
C ALA B 394 17.58 38.38 -11.84
N VAL B 395 16.35 38.62 -12.29
CA VAL B 395 16.02 38.37 -13.68
C VAL B 395 16.63 39.50 -14.50
N SER B 396 16.17 40.72 -14.27
CA SER B 396 16.70 41.86 -15.00
C SER B 396 18.17 42.07 -14.63
N GLY B 397 18.65 41.25 -13.70
CA GLY B 397 20.04 41.31 -13.27
C GLY B 397 20.41 42.56 -12.50
N MET B 398 19.40 43.24 -11.94
CA MET B 398 19.62 44.48 -11.19
C MET B 398 19.80 44.26 -9.68
PA NDP C . 11.03 -26.89 4.97
O1A NDP C . 11.11 -28.13 4.15
O2A NDP C . 12.26 -25.93 4.65
O5B NDP C . 11.05 -27.28 6.54
C5B NDP C . 9.97 -28.18 6.98
C4B NDP C . 10.16 -28.40 8.53
O4B NDP C . 9.18 -29.28 9.11
C3B NDP C . 11.54 -28.98 8.91
O3B NDP C . 12.15 -28.30 10.02
C2B NDP C . 11.27 -30.45 9.22
O2B NDP C . 12.21 -31.05 10.12
C1B NDP C . 9.89 -30.36 9.83
N9A NDP C . 9.12 -31.58 9.69
C8A NDP C . 8.88 -32.38 8.60
N7A NDP C . 8.12 -33.39 8.91
C5A NDP C . 7.84 -33.30 10.23
C6A NDP C . 7.09 -34.10 11.08
N6A NDP C . 6.46 -35.23 10.59
N1A NDP C . 6.98 -33.74 12.40
C2A NDP C . 7.58 -32.63 12.88
N3A NDP C . 8.32 -31.83 12.08
C4A NDP C . 8.47 -32.13 10.77
O3 NDP C . 9.61 -26.12 4.57
PN NDP C . 9.55 -24.47 4.67
O1N NDP C . 10.11 -23.87 3.43
O2N NDP C . 10.34 -23.90 5.94
O5D NDP C . 7.99 -24.04 4.78
C5D NDP C . 7.29 -24.55 5.92
C4D NDP C . 5.86 -24.04 5.80
O4D NDP C . 5.86 -22.59 5.58
C3D NDP C . 5.18 -24.71 4.58
O3D NDP C . 3.89 -25.19 4.86
C2D NDP C . 5.24 -23.61 3.49
O2D NDP C . 4.17 -23.70 2.56
C1D NDP C . 5.22 -22.33 4.28
N1N NDP C . 5.89 -21.20 3.56
C2N NDP C . 7.31 -21.20 3.30
C3N NDP C . 7.92 -20.13 2.63
C7N NDP C . 9.34 -20.15 2.37
O7N NDP C . 9.87 -19.20 1.80
N7N NDP C . 10.11 -21.20 2.76
C4N NDP C . 7.03 -18.97 2.22
C5N NDP C . 5.55 -19.11 2.57
C6N NDP C . 5.07 -20.14 3.18
P2B NDP C . 13.45 -31.83 9.42
O1X NDP C . 13.30 -31.81 7.95
O2X NDP C . 14.80 -31.11 9.86
O3X NDP C . 13.49 -33.34 9.91
CL2 FM5 D . 10.80 -14.21 -4.86
C9 FM5 D . 9.38 -15.19 -4.75
C10 FM5 D . 9.35 -16.42 -5.51
C11 FM5 D . 8.19 -17.27 -5.46
C8 FM5 D . 8.25 -14.81 -3.96
CL1 FM5 D . 8.17 -13.35 -3.00
C7 FM5 D . 7.10 -15.65 -3.91
C6 FM5 D . 7.06 -16.88 -4.65
C4 FM5 D . 5.84 -17.79 -4.44
PA1 FM5 D . 4.92 -17.90 -5.81
OP1 FM5 D . 4.31 -16.55 -6.13
OP2 FM5 D . 3.80 -18.91 -5.61
OP3 FM5 D . 5.78 -18.36 -6.96
C3 FM5 D . 6.28 -19.02 -3.69
C2 FM5 D . 6.96 -18.66 -2.31
N1 FM5 D . 5.97 -17.94 -1.51
O2 FM5 D . 4.60 -18.35 -1.63
C1 FM5 D . 6.36 -16.83 -0.61
O1 FM5 D . 5.55 -16.32 -0.01
C5 FM5 D . 7.79 -16.37 -0.44
C1 DCV E . 6.36 -17.03 -0.52
N1 DCV E . 5.75 -18.16 -1.27
O1 DCV E . 5.76 -16.58 0.33
CL1 DCV E . 7.91 -13.48 -3.17
C2 DCV E . 6.46 -18.76 -2.37
O2 DCV E . 4.47 -18.69 -0.96
CL2 DCV E . 10.73 -14.15 -4.82
C3 DCV E . 5.47 -18.39 -3.45
C4 DCV E . 6.06 -18.22 -4.82
C5 DCV E . 7.72 -16.47 -0.83
PA1 DCV E . 4.97 -17.93 -5.96
CAC DCV E . 7.19 -17.15 -4.84
CAD DCV E . 8.42 -17.41 -5.57
CAE DCV E . 7.08 -15.88 -4.12
CAF DCV E . 9.47 -16.45 -5.55
CAG DCV E . 8.15 -14.93 -4.09
CAH DCV E . 9.37 -15.23 -4.81
OP1 DCV E . 4.39 -16.53 -5.80
OP2 DCV E . 3.86 -18.96 -5.88
OP3 DCV E . 5.62 -18.07 -7.30
MN MN F . 3.39 -17.09 -0.33
PA NDP G . -8.67 26.64 -10.67
O1A NDP G . -7.99 27.75 -11.36
O2A NDP G . -9.10 25.52 -11.73
O5B NDP G . -9.98 27.20 -9.89
C5B NDP G . -9.73 28.24 -8.90
C4B NDP G . -11.12 28.60 -8.27
O4B NDP G . -11.04 29.62 -7.27
C3B NDP G . -12.13 29.12 -9.30
O3B NDP G . -13.42 28.54 -9.08
C2B NDP G . -12.11 30.64 -9.12
O2B NDP G . -13.32 31.29 -9.56
C1B NDP G . -11.92 30.72 -7.63
N9A NDP G . -11.28 31.93 -7.13
C8A NDP G . -10.16 32.60 -7.55
N7A NDP G . -9.93 33.65 -6.80
C5A NDP G . -10.90 33.70 -5.85
C6A NDP G . -11.19 34.57 -4.77
N6A NDP G . -10.35 35.66 -4.52
N1A NDP G . -12.28 34.33 -3.97
C2A NDP G . -13.10 33.29 -4.20
N3A NDP G . -12.87 32.42 -5.21
C4A NDP G . -11.79 32.60 -6.05
O3 NDP G . -7.58 25.99 -9.60
PN NDP G . -7.71 24.40 -9.19
O1N NDP G . -7.19 23.56 -10.30
O2N NDP G . -9.23 24.00 -8.88
O5D NDP G . -6.81 24.13 -7.89
C5D NDP G . -7.17 24.87 -6.69
C4D NDP G . -6.15 24.49 -5.63
O4D NDP G . -6.01 23.02 -5.55
C3D NDP G . -4.76 25.10 -6.01
O3D NDP G . -4.09 25.74 -4.91
C2D NDP G . -4.01 23.89 -6.59
O2D NDP G . -2.60 24.03 -6.47
C1D NDP G . -4.58 22.72 -5.83
N1N NDP G . -4.45 21.40 -6.55
C2N NDP G . -4.99 21.18 -7.85
C3N NDP G . -4.85 19.95 -8.50
C7N NDP G . -5.42 19.75 -9.81
O7N NDP G . -5.29 18.66 -10.37
N7N NDP G . -6.11 20.76 -10.42
C4N NDP G . -4.08 18.85 -7.77
C5N NDP G . -3.61 19.21 -6.37
C6N NDP G . -3.79 20.39 -5.85
P2B NDP G . -13.19 32.07 -10.99
O1X NDP G . -12.50 31.22 -11.98
O2X NDP G . -14.69 32.44 -11.47
O3X NDP G . -12.36 33.43 -10.77
CL2 FM5 H . -12.90 27.13 -16.61
C9 FM5 H . -14.19 27.80 -17.54
C10 FM5 H . -13.86 28.32 -18.84
C11 FM5 H . -14.87 28.90 -19.67
C8 FM5 H . -15.56 27.84 -17.09
CL1 FM5 H . -16.08 27.23 -15.55
C7 FM5 H . -16.57 28.42 -17.94
C6 FM5 H . -16.23 28.94 -19.21
C4 FM5 H . -17.33 29.63 -20.05
PA1 FM5 H . -17.02 31.25 -20.26
OP1 FM5 H . -16.44 31.85 -18.99
OP2 FM5 H . -18.31 31.97 -20.58
OP3 FM5 H . -16.05 31.46 -21.40
C3 FM5 H . -17.65 28.72 -21.21
C2 FM5 H . -19.19 28.87 -21.44
N1 FM5 H . -19.49 28.16 -22.71
O2 FM5 H . -18.42 27.60 -23.48
C1 FM5 H . -20.88 28.03 -23.19
O1 FM5 H . -21.06 27.47 -24.17
C5 FM5 H . -22.05 28.61 -22.42
C1 DCV I . -20.71 28.06 -23.19
N1 DCV I . -19.31 28.34 -22.81
O1 DCV I . -20.91 27.25 -23.97
CL1 DCV I . -16.26 27.40 -15.71
C2 DCV I . -18.96 29.39 -21.84
O2 DCV I . -18.24 27.61 -23.43
CL2 DCV I . -13.01 27.12 -16.43
C3 DCV I . -18.04 28.69 -20.79
C4 DCV I . -16.86 29.61 -20.52
C5 DCV I . -21.87 28.82 -22.57
PA1 DCV I . -17.02 31.24 -20.21
CAC DCV I . -15.96 28.92 -19.47
CAD DCV I . -14.57 28.79 -19.74
CAE DCV I . -16.47 28.48 -18.20
CAF DCV I . -13.68 28.23 -18.78
CAG DCV I . -15.57 27.91 -17.21
CAH DCV I . -14.17 27.79 -17.52
OP1 DCV I . -18.28 31.47 -19.38
OP2 DCV I . -17.14 32.00 -21.51
OP3 DCV I . -15.83 31.78 -19.45
MN MN J . -0.39 16.72 -6.81
S SO4 K . 3.65 15.75 -11.12
O1 SO4 K . 4.01 16.95 -10.35
O2 SO4 K . 3.99 14.51 -10.37
O3 SO4 K . 4.43 15.74 -12.37
O4 SO4 K . 2.19 15.80 -11.43
#